data_5ZVV
#
_entry.id   5ZVV
#
_cell.length_a   61.469
_cell.length_b   116.917
_cell.length_c   68.244
_cell.angle_alpha   90.00
_cell.angle_beta   113.55
_cell.angle_gamma   90.00
#
_symmetry.space_group_name_H-M   'P 1 21 1'
#
loop_
_entity.id
_entity.type
_entity.pdbx_description
1 polymer 'AimR transcriptional regulator'
2 non-polymer GLYCEROL
3 water water
#
_entity_poly.entity_id   1
_entity_poly.type   'polypeptide(L)'
_entity_poly.pdbx_seq_one_letter_code
;KLKQ(MSE)IKNECEKDNQLAARLAKLAGYEKVNGFYKFVNTPEKE(MSE)ENLGGLLKIVKNLFPDSEEQLLSEYFLEL
DPNKKCARQSVEYSDINQWDTLTDKIIINLCNSKNSTSQEWGKVYSLHRKLNKNEISLNDAIRESGKCKIKSAE(MSE)L
FFSNA(MSE)L(MSE)YAYLNIGEFGL(MSE)KSTSKLLEFDDLPEGFIKESFKSRVS(MSE)LEANISLNENSLLEARQ
HSNRAIENSNVNRICFFAYLTIGNTLIFEDYDEAKKAYIKGQKYAKNPVHQE(MSE)LDGALCFLSNIWKKENQWVNYNS
DNIKYLQLRAFYYINQGNIEEATEILDELSSRDQDENELGFYYYYKGLISQDKTDYYKSIRYFKKSDDKYFIQLPLLQLE
R(MSE)GADLELLNLISI
;
_entity_poly.pdbx_strand_id   A,B
#
# COMPACT_ATOMS: atom_id res chain seq x y z
N LYS A 1 14.19 1.92 47.70
CA LYS A 1 15.02 1.78 46.50
C LYS A 1 15.07 0.34 46.02
N LEU A 2 14.90 0.17 44.70
CA LEU A 2 14.97 -1.16 44.09
C LEU A 2 16.28 -1.86 44.43
N LYS A 3 17.35 -1.08 44.60
CA LYS A 3 18.66 -1.63 44.91
C LYS A 3 18.64 -2.45 46.19
N GLN A 4 18.13 -1.85 47.27
CA GLN A 4 18.11 -2.53 48.56
C GLN A 4 17.14 -3.70 48.57
N ILE A 6 16.43 -5.78 46.13
CA ILE A 6 17.06 -6.94 45.51
C ILE A 6 17.97 -7.64 46.52
N LYS A 7 18.83 -6.87 47.19
CA LYS A 7 19.74 -7.45 48.17
C LYS A 7 18.98 -8.15 49.30
N ASN A 8 17.90 -7.52 49.78
CA ASN A 8 17.14 -8.11 50.90
C ASN A 8 16.53 -9.45 50.51
N GLU A 9 16.03 -9.57 49.28
CA GLU A 9 15.51 -10.86 48.84
C GLU A 9 16.62 -11.90 48.74
N CYS A 10 17.79 -11.49 48.25
CA CYS A 10 18.89 -12.42 48.07
C CYS A 10 19.55 -12.80 49.39
N GLU A 11 19.50 -11.92 50.40
CA GLU A 11 20.10 -12.25 51.69
C GLU A 11 19.33 -13.33 52.42
N LYS A 12 18.05 -13.52 52.10
CA LYS A 12 17.23 -14.54 52.75
C LYS A 12 17.38 -15.91 52.09
N ASP A 13 18.05 -15.99 50.95
CA ASP A 13 18.15 -17.25 50.21
C ASP A 13 19.53 -17.28 49.55
N ASN A 14 20.45 -18.07 50.12
CA ASN A 14 21.81 -18.11 49.60
C ASN A 14 21.84 -18.64 48.17
N GLN A 15 21.04 -19.66 47.87
CA GLN A 15 21.03 -20.20 46.52
C GLN A 15 20.43 -19.20 45.54
N LEU A 16 19.43 -18.44 45.97
CA LEU A 16 18.89 -17.38 45.12
C LEU A 16 19.91 -16.27 44.89
N ALA A 17 20.64 -15.89 45.94
CA ALA A 17 21.69 -14.89 45.78
C ALA A 17 22.77 -15.38 44.83
N ALA A 18 23.13 -16.65 44.91
CA ALA A 18 24.17 -17.20 44.04
C ALA A 18 23.69 -17.27 42.60
N ARG A 19 22.44 -17.70 42.37
CA ARG A 19 21.97 -17.85 41.00
C ARG A 19 21.67 -16.51 40.35
N LEU A 20 21.23 -15.52 41.13
CA LEU A 20 21.00 -14.19 40.58
C LEU A 20 22.32 -13.45 40.35
N ALA A 21 23.28 -13.60 41.27
CA ALA A 21 24.60 -13.06 41.05
C ALA A 21 25.25 -13.67 39.81
N LYS A 22 25.11 -14.99 39.65
CA LYS A 22 25.62 -15.66 38.45
C LYS A 22 24.91 -15.18 37.20
N LEU A 23 23.60 -14.94 37.29
CA LEU A 23 22.85 -14.42 36.15
C LEU A 23 23.34 -13.02 35.77
N ALA A 24 23.71 -12.21 36.76
CA ALA A 24 24.26 -10.90 36.48
C ALA A 24 25.75 -10.92 36.14
N GLY A 25 26.39 -12.08 36.21
CA GLY A 25 27.79 -12.19 35.85
C GLY A 25 28.77 -12.13 37.00
N TYR A 26 28.33 -12.37 38.24
CA TYR A 26 29.18 -12.23 39.41
C TYR A 26 29.33 -13.57 40.12
N GLU A 27 30.51 -13.81 40.62
CA GLU A 27 30.81 -15.01 41.37
C GLU A 27 30.62 -14.81 42.82
N LYS A 28 30.83 -13.60 43.28
CA LYS A 28 30.64 -13.23 44.68
C LYS A 28 29.41 -12.35 44.80
N VAL A 29 28.58 -12.63 45.80
CA VAL A 29 27.33 -11.90 45.99
C VAL A 29 27.59 -10.44 46.34
N ASN A 30 28.76 -10.12 46.87
CA ASN A 30 29.04 -8.74 47.25
C ASN A 30 29.16 -7.83 46.03
N GLY A 31 29.87 -8.29 44.99
CA GLY A 31 29.93 -7.52 43.77
C GLY A 31 28.58 -7.38 43.10
N PHE A 32 27.74 -8.41 43.23
CA PHE A 32 26.39 -8.34 42.69
C PHE A 32 25.56 -7.30 43.43
N TYR A 33 25.62 -7.30 44.77
CA TYR A 33 24.91 -6.30 45.55
C TYR A 33 25.41 -4.89 45.24
N LYS A 34 26.72 -4.74 45.07
CA LYS A 34 27.26 -3.44 44.66
C LYS A 34 26.69 -3.03 43.31
N PHE A 35 26.60 -3.98 42.36
CA PHE A 35 26.07 -3.66 41.04
C PHE A 35 24.62 -3.19 41.13
N VAL A 36 23.76 -3.97 41.78
CA VAL A 36 22.36 -3.59 41.85
C VAL A 36 22.15 -2.35 42.71
N ASN A 37 23.07 -2.04 43.61
CA ASN A 37 22.97 -0.85 44.44
C ASN A 37 23.65 0.37 43.83
N THR A 38 24.03 0.29 42.55
CA THR A 38 24.57 1.46 41.87
C THR A 38 23.53 2.57 41.86
N PRO A 39 23.90 3.80 42.23
CA PRO A 39 22.95 4.91 42.12
C PRO A 39 22.38 5.01 40.72
N GLU A 40 21.11 5.41 40.63
CA GLU A 40 20.41 5.40 39.34
C GLU A 40 21.11 6.27 38.31
N LYS A 41 21.60 7.44 38.73
CA LYS A 41 22.27 8.35 37.80
C LYS A 41 23.60 7.78 37.29
N GLU A 42 24.16 6.78 37.96
CA GLU A 42 25.46 6.23 37.59
C GLU A 42 25.36 4.89 36.88
N GLU A 44 25.13 2.33 33.95
CA GLU A 44 25.63 2.43 32.59
C GLU A 44 24.76 1.67 31.59
N ASN A 45 24.23 0.51 32.00
CA ASN A 45 23.42 -0.32 31.12
C ASN A 45 22.34 -0.99 31.96
N LEU A 46 21.13 -1.07 31.39
CA LEU A 46 19.98 -1.62 32.11
C LEU A 46 19.82 -3.12 31.93
N GLY A 47 20.41 -3.70 30.88
CA GLY A 47 20.16 -5.08 30.50
C GLY A 47 20.22 -6.10 31.63
N GLY A 48 21.36 -6.19 32.30
CA GLY A 48 21.48 -7.13 33.40
C GLY A 48 20.51 -6.83 34.53
N LEU A 49 20.40 -5.55 34.91
CA LEU A 49 19.46 -5.17 35.96
C LEU A 49 18.04 -5.54 35.57
N LEU A 50 17.66 -5.30 34.32
CA LEU A 50 16.32 -5.68 33.88
C LEU A 50 16.11 -7.18 33.97
N LYS A 51 17.15 -7.97 33.66
CA LYS A 51 17.05 -9.41 33.84
C LYS A 51 16.83 -9.77 35.31
N ILE A 52 17.55 -9.11 36.22
CA ILE A 52 17.40 -9.40 37.65
C ILE A 52 16.00 -9.05 38.11
N VAL A 53 15.50 -7.87 37.71
CA VAL A 53 14.19 -7.42 38.15
C VAL A 53 13.09 -8.33 37.60
N LYS A 54 13.21 -8.74 36.33
CA LYS A 54 12.21 -9.62 35.76
C LYS A 54 12.25 -10.99 36.44
N ASN A 55 13.44 -11.45 36.83
CA ASN A 55 13.52 -12.74 37.51
C ASN A 55 12.96 -12.67 38.92
N LEU A 56 13.14 -11.54 39.60
CA LEU A 56 12.85 -11.44 41.02
C LEU A 56 11.42 -10.96 41.30
N PHE A 57 10.99 -9.91 40.59
CA PHE A 57 9.67 -9.31 40.80
C PHE A 57 8.90 -9.32 39.48
N PRO A 58 8.45 -10.48 39.02
CA PRO A 58 7.78 -10.55 37.70
C PRO A 58 6.44 -9.85 37.67
N ASP A 59 5.68 -9.86 38.77
CA ASP A 59 4.35 -9.27 38.80
C ASP A 59 4.35 -7.79 39.16
N SER A 60 5.47 -7.24 39.60
CA SER A 60 5.54 -5.85 40.02
C SER A 60 6.61 -5.06 39.26
N GLU A 61 7.10 -5.59 38.13
CA GLU A 61 8.19 -4.91 37.44
C GLU A 61 7.75 -3.56 36.86
N GLU A 62 6.48 -3.43 36.48
CA GLU A 62 6.02 -2.15 35.92
C GLU A 62 6.06 -1.05 36.97
N GLN A 63 5.70 -1.36 38.21
CA GLN A 63 5.69 -0.35 39.25
C GLN A 63 7.10 -0.01 39.71
N LEU A 64 7.88 -1.03 40.08
CA LEU A 64 9.26 -0.82 40.51
C LEU A 64 10.06 -0.09 39.44
N LEU A 65 9.99 -0.56 38.20
CA LEU A 65 10.74 0.08 37.13
C LEU A 65 10.14 1.42 36.74
N SER A 66 8.85 1.62 37.01
CA SER A 66 8.26 2.95 36.82
C SER A 66 8.90 3.95 37.76
N GLU A 67 9.20 3.53 38.99
CA GLU A 67 9.91 4.42 39.91
C GLU A 67 11.38 4.53 39.56
N TYR A 68 11.99 3.44 39.10
CA TYR A 68 13.43 3.41 38.89
C TYR A 68 13.83 4.19 37.64
N PHE A 69 13.09 4.02 36.54
CA PHE A 69 13.46 4.65 35.28
C PHE A 69 13.45 6.16 35.38
N LEU A 70 12.52 6.72 36.16
CA LEU A 70 12.42 8.17 36.28
C LEU A 70 13.58 8.78 37.05
N GLU A 71 14.43 7.96 37.66
CA GLU A 71 15.61 8.45 38.35
C GLU A 71 16.87 8.38 37.51
N LEU A 72 16.82 7.76 36.34
CA LEU A 72 18.00 7.68 35.47
C LEU A 72 18.37 9.06 34.95
N ASP A 73 19.64 9.21 34.58
CA ASP A 73 20.12 10.45 33.99
C ASP A 73 19.56 10.58 32.58
N PRO A 74 18.73 11.58 32.30
CA PRO A 74 18.12 11.67 30.97
C PRO A 74 19.12 11.85 29.85
N ASN A 75 20.35 12.26 30.16
CA ASN A 75 21.35 12.57 29.15
C ASN A 75 22.15 11.36 28.69
N LYS A 76 21.91 10.18 29.25
CA LYS A 76 22.79 9.04 29.06
C LYS A 76 22.03 7.84 28.47
N LYS A 77 22.79 6.77 28.22
CA LYS A 77 22.26 5.61 27.48
C LYS A 77 21.16 4.89 28.26
N CYS A 78 21.29 4.83 29.58
CA CYS A 78 20.31 4.10 30.38
C CYS A 78 18.90 4.63 30.19
N ALA A 79 18.76 5.95 30.02
CA ALA A 79 17.43 6.52 29.84
C ALA A 79 16.84 6.13 28.48
N ARG A 80 17.67 6.08 27.44
CA ARG A 80 17.21 5.65 26.12
C ARG A 80 16.78 4.19 26.15
N GLN A 81 17.63 3.32 26.70
CA GLN A 81 17.22 1.94 26.94
C GLN A 81 15.91 1.88 27.69
N SER A 82 15.74 2.75 28.69
CA SER A 82 14.52 2.74 29.48
C SER A 82 13.30 3.10 28.65
N VAL A 83 13.44 4.04 27.70
CA VAL A 83 12.29 4.39 26.89
C VAL A 83 11.92 3.23 25.97
N GLU A 84 12.92 2.50 25.46
CA GLU A 84 12.61 1.36 24.60
C GLU A 84 11.94 0.24 25.39
N TYR A 85 12.48 -0.09 26.57
CA TYR A 85 11.86 -1.13 27.39
C TYR A 85 10.46 -0.73 27.82
N SER A 86 10.26 0.53 28.17
CA SER A 86 8.94 0.99 28.58
C SER A 86 7.95 0.87 27.43
N ASP A 87 8.36 1.28 26.22
CA ASP A 87 7.41 1.29 25.11
C ASP A 87 7.12 -0.13 24.61
N ILE A 88 8.11 -1.01 24.62
CA ILE A 88 7.84 -2.37 24.14
C ILE A 88 6.91 -3.10 25.09
N ASN A 89 6.93 -2.75 26.38
CA ASN A 89 5.99 -3.30 27.35
C ASN A 89 4.63 -2.60 27.32
N GLN A 90 4.49 -1.54 26.53
CA GLN A 90 3.26 -0.74 26.44
C GLN A 90 2.93 -0.09 27.78
N TRP A 91 3.96 0.36 28.50
CA TRP A 91 3.78 1.16 29.71
C TRP A 91 3.67 2.63 29.29
N ASP A 92 2.51 2.96 28.73
CA ASP A 92 2.34 4.21 27.99
C ASP A 92 2.57 5.43 28.86
N THR A 93 2.05 5.42 30.10
CA THR A 93 2.23 6.56 30.99
C THR A 93 3.71 6.80 31.27
N LEU A 94 4.39 5.75 31.74
CA LEU A 94 5.83 5.82 31.96
C LEU A 94 6.55 6.20 30.68
N THR A 95 6.17 5.61 29.55
CA THR A 95 6.83 5.89 28.29
C THR A 95 6.77 7.38 27.95
N ASP A 96 5.61 8.00 28.15
CA ASP A 96 5.47 9.41 27.81
C ASP A 96 6.25 10.30 28.78
N LYS A 97 6.25 9.94 30.07
CA LYS A 97 7.09 10.68 31.01
C LYS A 97 8.57 10.62 30.60
N ILE A 98 9.06 9.42 30.28
CA ILE A 98 10.45 9.28 29.86
C ILE A 98 10.71 10.04 28.57
N ILE A 99 9.75 10.05 27.65
CA ILE A 99 9.92 10.82 26.42
C ILE A 99 10.09 12.30 26.72
N ILE A 100 9.31 12.81 27.67
CA ILE A 100 9.47 14.21 28.08
C ILE A 100 10.87 14.44 28.65
N ASN A 101 11.32 13.55 29.53
CA ASN A 101 12.66 13.71 30.11
C ASN A 101 13.74 13.67 29.03
N LEU A 102 13.58 12.80 28.03
CA LEU A 102 14.58 12.71 26.97
C LEU A 102 14.57 13.94 26.07
N CYS A 103 13.39 14.49 25.82
CA CYS A 103 13.31 15.70 25.01
C CYS A 103 13.90 16.90 25.73
N ASN A 104 13.64 17.03 27.03
CA ASN A 104 14.18 18.14 27.81
C ASN A 104 15.66 17.97 28.14
N SER A 105 16.27 16.86 27.72
CA SER A 105 17.68 16.62 28.00
C SER A 105 18.57 17.59 27.23
N LYS A 106 19.79 17.77 27.73
CA LYS A 106 20.80 18.58 27.06
C LYS A 106 21.55 17.82 25.98
N ASN A 107 21.50 16.49 26.00
CA ASN A 107 22.27 15.66 25.09
C ASN A 107 21.51 15.45 23.79
N SER A 108 22.21 15.59 22.66
CA SER A 108 21.55 15.53 21.36
C SER A 108 21.01 14.14 21.06
N THR A 109 21.73 13.10 21.46
CA THR A 109 21.23 11.74 21.25
C THR A 109 19.97 11.49 22.05
N SER A 110 19.94 11.92 23.31
CA SER A 110 18.74 11.76 24.12
C SER A 110 17.57 12.54 23.53
N GLN A 111 17.82 13.78 23.09
CA GLN A 111 16.76 14.56 22.44
C GLN A 111 16.26 13.85 21.20
N GLU A 112 17.17 13.25 20.43
CA GLU A 112 16.78 12.56 19.20
C GLU A 112 15.90 11.36 19.51
N TRP A 113 16.31 10.54 20.49
CA TRP A 113 15.47 9.43 20.93
C TRP A 113 14.10 9.92 21.39
N GLY A 114 14.08 11.01 22.17
CA GLY A 114 12.82 11.53 22.66
C GLY A 114 11.91 12.00 21.54
N LYS A 115 12.47 12.61 20.50
CA LYS A 115 11.67 13.10 19.40
C LYS A 115 11.15 11.95 18.55
N VAL A 116 11.98 10.92 18.31
CA VAL A 116 11.55 9.80 17.50
C VAL A 116 10.47 9.00 18.23
N TYR A 117 10.68 8.72 19.52
CA TYR A 117 9.65 8.00 20.27
C TYR A 117 8.41 8.86 20.47
N SER A 118 8.57 10.18 20.53
CA SER A 118 7.40 11.06 20.56
C SER A 118 6.58 10.92 19.29
N LEU A 119 7.26 10.89 18.13
CA LEU A 119 6.55 10.64 16.87
C LEU A 119 5.88 9.28 16.88
N HIS A 120 6.58 8.26 17.36
CA HIS A 120 6.03 6.91 17.49
C HIS A 120 4.74 6.92 18.28
N ARG A 121 4.74 7.62 19.42
CA ARG A 121 3.56 7.67 20.29
C ARG A 121 2.44 8.47 19.66
N LYS A 122 2.78 9.57 18.96
CA LYS A 122 1.74 10.32 18.26
C LYS A 122 1.10 9.49 17.16
N LEU A 123 1.88 8.59 16.54
CA LEU A 123 1.30 7.66 15.57
C LEU A 123 0.40 6.64 16.26
N ASN A 124 0.83 6.16 17.43
CA ASN A 124 -0.01 5.21 18.18
C ASN A 124 -1.37 5.81 18.49
N LYS A 125 -1.41 7.08 18.89
CA LYS A 125 -2.64 7.76 19.25
C LYS A 125 -3.34 8.40 18.05
N ASN A 126 -2.79 8.25 16.85
CA ASN A 126 -3.31 8.89 15.64
C ASN A 126 -3.42 10.41 15.83
N GLU A 127 -2.41 10.99 16.47
CA GLU A 127 -2.34 12.43 16.67
C GLU A 127 -1.46 13.12 15.62
N ILE A 128 -0.85 12.34 14.72
CA ILE A 128 -0.04 12.87 13.63
C ILE A 128 -0.29 12.02 12.41
N SER A 129 -0.12 12.63 11.23
CA SER A 129 -0.22 11.88 9.99
C SER A 129 1.03 11.04 9.79
N LEU A 130 0.89 9.98 8.99
CA LEU A 130 2.02 9.12 8.67
C LEU A 130 3.07 9.88 7.86
N ASN A 131 2.62 10.62 6.85
CA ASN A 131 3.54 11.46 6.08
C ASN A 131 4.07 12.60 6.94
N ASP A 132 3.25 13.14 7.85
CA ASP A 132 3.74 14.13 8.80
C ASP A 132 4.80 13.54 9.71
N ALA A 133 4.65 12.25 10.06
CA ALA A 133 5.68 11.58 10.84
C ALA A 133 6.95 11.36 10.03
N ILE A 134 6.82 11.13 8.73
CA ILE A 134 8.00 11.00 7.88
C ILE A 134 8.73 12.34 7.76
N ARG A 135 7.99 13.43 7.57
CA ARG A 135 8.61 14.75 7.46
C ARG A 135 9.25 15.16 8.78
N GLU A 136 8.50 15.05 9.88
CA GLU A 136 9.04 15.39 11.19
C GLU A 136 10.27 14.53 11.51
N SER A 137 10.22 13.25 11.14
CA SER A 137 11.40 12.41 11.27
C SER A 137 12.57 12.97 10.46
N GLY A 138 12.26 13.56 9.30
CA GLY A 138 13.30 14.19 8.51
C GLY A 138 13.88 15.44 9.15
N LYS A 139 13.05 16.18 9.88
CA LYS A 139 13.53 17.40 10.54
C LYS A 139 14.43 17.12 11.73
N CYS A 140 14.32 15.94 12.34
CA CYS A 140 15.09 15.62 13.53
C CYS A 140 16.58 15.49 13.27
N LYS A 141 17.01 15.37 12.01
CA LYS A 141 18.40 15.12 11.66
C LYS A 141 18.96 13.94 12.45
N ILE A 142 18.32 12.78 12.24
CA ILE A 142 18.62 11.59 13.02
C ILE A 142 20.02 11.10 12.69
N LYS A 143 20.84 10.94 13.72
CA LYS A 143 22.24 10.55 13.58
C LYS A 143 22.54 9.15 14.05
N SER A 144 22.01 8.74 15.21
CA SER A 144 22.32 7.45 15.77
C SER A 144 21.74 6.34 14.90
N ALA A 145 22.47 5.23 14.80
CA ALA A 145 21.98 4.08 14.05
C ALA A 145 20.64 3.59 14.60
N GLU A 146 20.57 3.40 15.93
CA GLU A 146 19.35 2.90 16.56
C GLU A 146 18.12 3.66 16.10
N LEU A 148 17.88 5.77 13.58
CA LEU A 148 17.77 5.57 12.14
C LEU A 148 17.01 4.28 11.85
N PHE A 149 17.24 3.25 12.66
CA PHE A 149 16.46 2.03 12.56
C PHE A 149 15.01 2.27 12.98
N PHE A 150 14.83 2.84 14.18
CA PHE A 150 13.50 2.85 14.78
C PHE A 150 12.57 3.82 14.06
N SER A 151 13.10 4.94 13.56
CA SER A 151 12.27 5.85 12.78
C SER A 151 11.69 5.19 11.54
N ASN A 152 12.24 4.05 11.13
CA ASN A 152 11.66 3.27 10.05
C ASN A 152 10.81 2.11 10.58
N ALA A 153 11.31 1.38 11.58
CA ALA A 153 10.56 0.26 12.12
C ALA A 153 9.22 0.69 12.71
N LEU A 155 7.26 2.81 11.59
CA LEU A 155 6.29 3.00 10.52
C LEU A 155 5.48 1.74 10.27
N TYR A 157 4.18 -0.30 12.48
CA TYR A 157 3.01 -0.34 13.35
C TYR A 157 1.87 0.47 12.76
N ALA A 158 2.16 1.67 12.25
CA ALA A 158 1.11 2.48 11.63
C ALA A 158 0.56 1.82 10.37
N TYR A 159 1.44 1.31 9.52
CA TYR A 159 1.00 0.58 8.33
C TYR A 159 0.15 -0.62 8.72
N LEU A 160 0.53 -1.33 9.79
CA LEU A 160 -0.33 -2.39 10.31
C LEU A 160 -1.66 -1.82 10.78
N ASN A 161 -1.64 -0.65 11.41
CA ASN A 161 -2.87 -0.07 11.93
C ASN A 161 -3.84 0.28 10.80
N ILE A 162 -3.32 0.60 9.61
CA ILE A 162 -4.17 0.88 8.46
C ILE A 162 -4.20 -0.29 7.48
N GLY A 163 -3.70 -1.46 7.87
CA GLY A 163 -3.79 -2.64 7.05
C GLY A 163 -3.03 -2.58 5.74
N GLU A 164 -1.96 -1.78 5.68
CA GLU A 164 -1.15 -1.64 4.47
C GLU A 164 0.03 -2.61 4.59
N PHE A 165 -0.26 -3.89 4.38
CA PHE A 165 0.74 -4.93 4.63
C PHE A 165 1.92 -4.81 3.66
N GLY A 166 1.65 -4.49 2.39
CA GLY A 166 2.73 -4.29 1.44
C GLY A 166 3.75 -3.29 1.93
N LEU A 167 3.28 -2.11 2.35
CA LEU A 167 4.18 -1.10 2.87
C LEU A 167 4.83 -1.51 4.18
N LYS A 169 5.91 -4.69 4.53
CA LYS A 169 6.96 -5.57 4.03
C LYS A 169 8.11 -4.77 3.47
N SER A 170 7.82 -3.84 2.54
CA SER A 170 8.87 -3.00 1.97
C SER A 170 9.65 -2.28 3.06
N THR A 171 8.94 -1.75 4.07
CA THR A 171 9.64 -1.06 5.16
C THR A 171 10.64 -2.00 5.83
N SER A 172 10.22 -3.24 6.12
CA SER A 172 11.12 -4.16 6.79
C SER A 172 12.31 -4.53 5.92
N LYS A 173 12.19 -4.37 4.59
CA LYS A 173 13.32 -4.65 3.73
C LYS A 173 14.39 -3.58 3.81
N LEU A 174 14.09 -2.42 4.38
CA LEU A 174 15.07 -1.36 4.56
C LEU A 174 15.78 -1.44 5.90
N LEU A 175 15.37 -2.35 6.78
CA LEU A 175 15.95 -2.47 8.11
C LEU A 175 17.21 -3.32 8.03
N GLU A 176 18.36 -2.67 8.14
CA GLU A 176 19.66 -3.35 8.14
C GLU A 176 20.08 -3.54 9.59
N PHE A 177 19.90 -4.76 10.11
CA PHE A 177 20.29 -5.06 11.48
C PHE A 177 21.80 -5.00 11.67
N ASP A 178 22.58 -5.16 10.61
CA ASP A 178 24.03 -5.05 10.71
C ASP A 178 24.46 -3.64 11.07
N ASP A 179 23.65 -2.64 10.73
CA ASP A 179 23.95 -1.26 11.13
C ASP A 179 23.82 -1.04 12.63
N LEU A 180 23.21 -1.99 13.36
CA LEU A 180 22.98 -1.86 14.80
C LEU A 180 24.06 -2.61 15.56
N PRO A 181 24.69 -1.99 16.55
CA PRO A 181 25.60 -2.74 17.42
C PRO A 181 24.83 -3.72 18.29
N GLU A 182 25.54 -4.78 18.69
CA GLU A 182 24.94 -5.80 19.53
C GLU A 182 24.60 -5.23 20.90
N GLY A 183 23.52 -5.72 21.49
CA GLY A 183 23.17 -5.36 22.84
C GLY A 183 21.67 -5.36 23.06
N PHE A 184 21.28 -4.71 24.17
CA PHE A 184 19.89 -4.73 24.63
C PHE A 184 18.95 -4.15 23.58
N ILE A 185 19.29 -2.98 23.04
CA ILE A 185 18.42 -2.30 22.08
C ILE A 185 18.21 -3.16 20.84
N LYS A 186 19.31 -3.74 20.33
CA LYS A 186 19.22 -4.52 19.09
C LYS A 186 18.37 -5.77 19.28
N GLU A 187 18.48 -6.42 20.45
CA GLU A 187 17.63 -7.57 20.71
C GLU A 187 16.16 -7.17 20.85
N SER A 188 15.91 -6.02 21.50
CA SER A 188 14.54 -5.53 21.60
C SER A 188 13.94 -5.28 20.23
N PHE A 189 14.68 -4.57 19.37
CA PHE A 189 14.21 -4.32 18.01
C PHE A 189 14.00 -5.62 17.25
N LYS A 190 14.89 -6.59 17.47
CA LYS A 190 14.73 -7.89 16.83
C LYS A 190 13.41 -8.53 17.21
N SER A 191 13.07 -8.51 18.51
CA SER A 191 11.80 -9.08 18.92
C SER A 191 10.63 -8.34 18.28
N ARG A 192 10.69 -7.00 18.26
CA ARG A 192 9.64 -6.22 17.60
C ARG A 192 9.42 -6.68 16.16
N VAL A 193 10.48 -6.62 15.34
CA VAL A 193 10.36 -6.98 13.94
C VAL A 193 9.92 -8.43 13.78
N SER A 194 10.36 -9.30 14.69
CA SER A 194 9.93 -10.69 14.64
C SER A 194 8.41 -10.81 14.78
N LEU A 196 6.13 -8.42 14.22
CA LEU A 196 5.49 -7.78 13.07
C LEU A 196 5.48 -8.72 11.86
N GLU A 197 6.63 -9.32 11.54
CA GLU A 197 6.70 -10.24 10.42
C GLU A 197 5.90 -11.51 10.69
N ALA A 198 5.78 -11.92 11.95
CA ALA A 198 4.96 -13.08 12.27
C ALA A 198 3.50 -12.82 11.90
N ASN A 199 2.98 -11.64 12.25
CA ASN A 199 1.60 -11.34 11.89
C ASN A 199 1.45 -11.14 10.38
N ILE A 200 2.46 -10.56 9.73
CA ILE A 200 2.45 -10.48 8.28
C ILE A 200 2.30 -11.87 7.67
N SER A 201 3.11 -12.82 8.16
CA SER A 201 3.10 -14.16 7.60
C SER A 201 1.78 -14.87 7.86
N LEU A 202 1.23 -14.72 9.06
CA LEU A 202 -0.07 -15.32 9.36
C LEU A 202 -1.15 -14.76 8.45
N ASN A 203 -1.12 -13.45 8.19
CA ASN A 203 -2.15 -12.84 7.36
C ASN A 203 -2.12 -13.38 5.94
N GLU A 204 -0.94 -13.77 5.45
CA GLU A 204 -0.78 -14.33 4.11
C GLU A 204 -0.97 -15.84 4.08
N ASN A 205 -1.43 -16.44 5.18
CA ASN A 205 -1.61 -17.89 5.29
C ASN A 205 -0.29 -18.63 5.08
N SER A 206 0.82 -18.04 5.53
CA SER A 206 2.12 -18.70 5.53
C SER A 206 2.39 -19.13 6.97
N LEU A 207 1.90 -20.32 7.32
CA LEU A 207 1.85 -20.71 8.73
C LEU A 207 3.24 -21.03 9.27
N LEU A 208 4.06 -21.75 8.50
CA LEU A 208 5.39 -22.10 8.97
C LEU A 208 6.24 -20.86 9.20
N GLU A 209 6.14 -19.89 8.30
CA GLU A 209 6.87 -18.63 8.47
C GLU A 209 6.43 -17.89 9.73
N ALA A 210 5.10 -17.83 9.96
CA ALA A 210 4.59 -17.16 11.15
C ALA A 210 5.06 -17.85 12.42
N ARG A 211 5.03 -19.19 12.44
CA ARG A 211 5.54 -19.92 13.59
C ARG A 211 7.04 -19.67 13.78
N GLN A 212 7.79 -19.59 12.69
CA GLN A 212 9.22 -19.31 12.78
C GLN A 212 9.47 -17.97 13.46
N HIS A 213 8.80 -16.92 12.98
CA HIS A 213 9.00 -15.60 13.56
C HIS A 213 8.53 -15.55 15.01
N SER A 214 7.42 -16.20 15.32
CA SER A 214 6.90 -16.20 16.69
C SER A 214 7.87 -16.89 17.64
N ASN A 215 8.34 -18.08 17.25
CA ASN A 215 9.29 -18.81 18.07
C ASN A 215 10.59 -18.04 18.25
N ARG A 216 11.04 -17.36 17.20
CA ARG A 216 12.26 -16.57 17.33
C ARG A 216 12.05 -15.41 18.29
N ALA A 217 10.88 -14.76 18.23
CA ALA A 217 10.57 -13.71 19.19
C ALA A 217 10.59 -14.24 20.62
N ILE A 218 10.00 -15.42 20.84
CA ILE A 218 10.02 -16.03 22.17
C ILE A 218 11.44 -16.33 22.60
N GLU A 219 12.29 -16.75 21.66
CA GLU A 219 13.66 -17.13 22.02
C GLU A 219 14.52 -15.92 22.33
N ASN A 220 14.22 -14.77 21.74
CA ASN A 220 15.03 -13.57 21.94
C ASN A 220 14.47 -12.61 22.99
N SER A 221 13.29 -12.88 23.55
CA SER A 221 12.64 -11.90 24.40
C SER A 221 12.00 -12.57 25.61
N ASN A 222 12.09 -11.88 26.75
CA ASN A 222 11.30 -12.21 27.94
C ASN A 222 10.30 -11.12 28.27
N VAL A 223 10.03 -10.21 27.34
CA VAL A 223 8.99 -9.21 27.53
C VAL A 223 7.64 -9.89 27.45
N ASN A 224 6.77 -9.59 28.43
CA ASN A 224 5.49 -10.29 28.53
C ASN A 224 4.63 -10.04 27.30
N ARG A 225 4.60 -8.80 26.80
CA ARG A 225 3.77 -8.49 25.64
C ARG A 225 4.23 -9.29 24.41
N ILE A 226 5.54 -9.30 24.15
CA ILE A 226 6.08 -10.01 22.99
C ILE A 226 5.71 -11.48 23.05
N CYS A 227 5.98 -12.13 24.18
CA CYS A 227 5.73 -13.57 24.28
C CYS A 227 4.24 -13.87 24.23
N PHE A 228 3.41 -13.01 24.85
CA PHE A 228 1.96 -13.20 24.80
C PHE A 228 1.47 -13.20 23.36
N PHE A 229 1.81 -12.15 22.60
CA PHE A 229 1.36 -12.12 21.21
C PHE A 229 2.04 -13.18 20.35
N ALA A 230 3.20 -13.68 20.77
CA ALA A 230 3.84 -14.76 20.03
C ALA A 230 3.06 -16.06 20.17
N TYR A 231 2.74 -16.45 21.41
CA TYR A 231 1.95 -17.67 21.60
C TYR A 231 0.53 -17.50 21.06
N LEU A 232 -0.02 -16.29 21.15
CA LEU A 232 -1.28 -15.99 20.50
C LEU A 232 -1.20 -16.25 19.00
N THR A 233 -0.10 -15.82 18.37
CA THR A 233 0.05 -16.02 16.94
C THR A 233 0.21 -17.50 16.58
N ILE A 234 1.00 -18.24 17.36
CA ILE A 234 1.18 -19.67 17.11
C ILE A 234 -0.16 -20.39 17.20
N GLY A 235 -0.88 -20.17 18.30
CA GLY A 235 -2.20 -20.76 18.44
C GLY A 235 -3.11 -20.39 17.28
N ASN A 236 -3.02 -19.15 16.81
CA ASN A 236 -3.82 -18.75 15.65
C ASN A 236 -3.43 -19.54 14.41
N THR A 237 -2.13 -19.82 14.25
CA THR A 237 -1.72 -20.63 13.09
C THR A 237 -2.19 -22.08 13.22
N LEU A 238 -2.56 -22.52 14.42
CA LEU A 238 -3.01 -23.90 14.59
C LEU A 238 -4.54 -24.05 14.65
N ILE A 239 -5.30 -23.00 14.35
CA ILE A 239 -6.74 -23.02 14.62
C ILE A 239 -7.43 -24.12 13.82
N PHE A 240 -7.10 -24.27 12.54
CA PHE A 240 -7.80 -25.21 11.67
C PHE A 240 -7.08 -26.54 11.53
N GLU A 241 -5.95 -26.74 12.22
CA GLU A 241 -5.19 -27.99 12.12
C GLU A 241 -5.42 -28.92 13.29
N ASP A 242 -5.31 -28.43 14.52
CA ASP A 242 -5.33 -29.28 15.71
C ASP A 242 -5.88 -28.46 16.87
N TYR A 243 -6.97 -28.94 17.48
CA TYR A 243 -7.56 -28.22 18.60
C TYR A 243 -6.62 -28.23 19.81
N ASP A 244 -6.10 -29.40 20.17
CA ASP A 244 -5.33 -29.53 21.40
C ASP A 244 -4.02 -28.75 21.35
N GLU A 245 -3.37 -28.72 20.18
CA GLU A 245 -2.11 -27.99 20.07
C GLU A 245 -2.33 -26.48 20.07
N ALA A 246 -3.35 -26.02 19.33
CA ALA A 246 -3.70 -24.60 19.37
C ALA A 246 -4.03 -24.17 20.79
N LYS A 247 -4.89 -24.93 21.47
CA LYS A 247 -5.23 -24.63 22.85
C LYS A 247 -4.00 -24.64 23.75
N LYS A 248 -3.04 -25.53 23.46
CA LYS A 248 -1.83 -25.60 24.28
C LYS A 248 -0.98 -24.35 24.11
N ALA A 249 -0.88 -23.84 22.88
CA ALA A 249 -0.13 -22.61 22.66
C ALA A 249 -0.82 -21.41 23.31
N TYR A 250 -2.14 -21.28 23.08
CA TYR A 250 -2.91 -20.25 23.74
C TYR A 250 -2.68 -20.25 25.24
N ILE A 251 -2.80 -21.43 25.86
CA ILE A 251 -2.62 -21.53 27.31
C ILE A 251 -1.18 -21.15 27.69
N LYS A 252 -0.20 -21.49 26.84
CA LYS A 252 1.16 -21.03 27.08
C LYS A 252 1.24 -19.51 27.10
N GLY A 253 0.34 -18.83 26.38
CA GLY A 253 0.31 -17.38 26.47
C GLY A 253 -0.20 -16.81 27.79
N GLN A 254 -0.80 -17.64 28.65
CA GLN A 254 -1.49 -17.12 29.83
C GLN A 254 -0.53 -16.42 30.78
N LYS A 255 0.60 -17.03 31.07
CA LYS A 255 1.56 -16.47 32.03
C LYS A 255 2.12 -15.13 31.59
N TYR A 256 1.91 -14.73 30.34
CA TYR A 256 2.42 -13.48 29.81
C TYR A 256 1.35 -12.38 29.72
N ALA A 257 0.12 -12.68 30.09
CA ALA A 257 -0.97 -11.71 30.07
C ALA A 257 -1.02 -11.01 31.43
N LYS A 258 -0.72 -9.71 31.45
CA LYS A 258 -0.58 -8.98 32.69
C LYS A 258 -1.62 -7.88 32.86
N ASN A 259 -2.63 -7.82 32.00
CA ASN A 259 -3.69 -6.83 32.09
C ASN A 259 -4.96 -7.45 31.53
N PRO A 260 -6.13 -6.93 31.90
CA PRO A 260 -7.38 -7.56 31.44
C PRO A 260 -7.59 -7.51 29.94
N VAL A 261 -6.96 -6.58 29.23
CA VAL A 261 -7.14 -6.50 27.78
C VAL A 261 -6.53 -7.73 27.09
N HIS A 262 -5.28 -8.04 27.42
CA HIS A 262 -4.66 -9.26 26.90
C HIS A 262 -5.39 -10.49 27.39
N GLN A 263 -5.91 -10.46 28.62
CA GLN A 263 -6.65 -11.60 29.13
C GLN A 263 -7.90 -11.86 28.30
N GLU A 264 -8.63 -10.80 27.94
CA GLU A 264 -9.83 -10.98 27.14
C GLU A 264 -9.50 -11.32 25.69
N LEU A 266 -6.94 -13.34 24.95
CA LEU A 266 -6.63 -14.76 25.06
C LEU A 266 -7.91 -15.58 25.23
N ASP A 267 -8.76 -15.18 26.18
CA ASP A 267 -10.06 -15.82 26.35
C ASP A 267 -10.85 -15.83 25.04
N GLY A 268 -10.79 -14.74 24.29
CA GLY A 268 -11.46 -14.70 23.00
C GLY A 268 -10.87 -15.68 22.00
N ALA A 269 -9.55 -15.84 22.01
CA ALA A 269 -8.92 -16.82 21.13
C ALA A 269 -9.37 -18.23 21.47
N LEU A 270 -9.42 -18.56 22.76
CA LEU A 270 -9.88 -19.89 23.16
C LEU A 270 -11.36 -20.07 22.90
N CYS A 271 -12.14 -19.00 22.99
CA CYS A 271 -13.58 -19.06 22.73
C CYS A 271 -13.84 -19.33 21.25
N PHE A 272 -13.14 -18.60 20.38
CA PHE A 272 -13.24 -18.87 18.96
C PHE A 272 -12.79 -20.29 18.63
N LEU A 273 -11.68 -20.73 19.23
CA LEU A 273 -11.18 -22.07 18.98
C LEU A 273 -12.22 -23.13 19.35
N SER A 274 -12.73 -23.06 20.58
CA SER A 274 -13.66 -24.09 21.05
C SER A 274 -14.99 -24.02 20.31
N ASN A 275 -15.41 -22.81 19.90
CA ASN A 275 -16.57 -22.71 19.03
C ASN A 275 -16.32 -23.39 17.69
N ILE A 276 -15.13 -23.19 17.12
CA ILE A 276 -14.79 -23.79 15.84
C ILE A 276 -14.84 -25.32 15.94
N TRP A 277 -14.24 -25.87 16.98
CA TRP A 277 -14.16 -27.32 17.12
C TRP A 277 -15.31 -27.90 17.94
N LYS A 278 -16.27 -27.08 18.35
CA LYS A 278 -17.41 -27.49 19.17
C LYS A 278 -16.92 -28.27 20.39
N LYS A 279 -15.94 -27.69 21.08
CA LYS A 279 -15.43 -28.21 22.33
C LYS A 279 -15.98 -27.40 23.51
N GLU A 280 -15.71 -27.90 24.71
CA GLU A 280 -16.20 -27.24 25.92
C GLU A 280 -15.65 -25.81 26.01
N ASN A 281 -16.55 -24.84 26.00
CA ASN A 281 -16.21 -23.43 25.94
C ASN A 281 -16.37 -22.81 27.33
N GLN A 282 -15.25 -22.51 27.98
CA GLN A 282 -15.26 -21.82 29.27
C GLN A 282 -15.01 -20.33 29.15
N TRP A 283 -14.83 -19.81 27.93
CA TRP A 283 -14.29 -18.47 27.72
C TRP A 283 -15.29 -17.53 27.05
N VAL A 284 -16.58 -17.87 27.07
CA VAL A 284 -17.60 -16.96 26.56
C VAL A 284 -17.59 -15.69 27.41
N ASN A 285 -17.47 -14.54 26.76
CA ASN A 285 -17.45 -13.26 27.45
C ASN A 285 -18.88 -12.74 27.54
N TYR A 286 -19.43 -12.73 28.76
CA TYR A 286 -20.78 -12.24 29.01
C TYR A 286 -20.82 -10.80 29.49
N ASN A 287 -19.65 -10.18 29.70
CA ASN A 287 -19.59 -8.83 30.26
C ASN A 287 -18.88 -7.88 29.32
N SER A 288 -19.34 -7.81 28.07
CA SER A 288 -18.66 -7.02 27.07
C SER A 288 -19.64 -6.65 25.98
N ASP A 289 -19.48 -5.45 25.43
CA ASP A 289 -20.13 -5.08 24.17
C ASP A 289 -19.10 -4.81 23.09
N ASN A 290 -17.85 -5.25 23.31
CA ASN A 290 -16.86 -5.28 22.24
C ASN A 290 -17.40 -6.09 21.06
N ILE A 291 -17.16 -5.58 19.86
CA ILE A 291 -17.71 -6.22 18.66
C ILE A 291 -17.23 -7.67 18.56
N LYS A 292 -15.94 -7.90 18.78
CA LYS A 292 -15.41 -9.24 18.58
C LYS A 292 -15.96 -10.22 19.61
N TYR A 293 -16.00 -9.81 20.88
CA TYR A 293 -16.45 -10.74 21.92
C TYR A 293 -17.96 -10.96 21.83
N LEU A 294 -18.71 -9.95 21.39
CA LEU A 294 -20.12 -10.16 21.07
C LEU A 294 -20.27 -11.16 19.94
N GLN A 295 -19.44 -11.05 18.90
CA GLN A 295 -19.47 -12.01 17.81
C GLN A 295 -19.18 -13.42 18.30
N LEU A 296 -18.19 -13.57 19.18
CA LEU A 296 -17.86 -14.89 19.71
C LEU A 296 -18.99 -15.44 20.57
N ARG A 297 -19.64 -14.58 21.34
CA ARG A 297 -20.78 -15.02 22.15
C ARG A 297 -21.94 -15.47 21.26
N ALA A 298 -22.20 -14.74 20.17
CA ALA A 298 -23.23 -15.17 19.24
C ALA A 298 -22.86 -16.48 18.56
N PHE A 299 -21.58 -16.66 18.25
CA PHE A 299 -21.09 -17.94 17.74
C PHE A 299 -21.43 -19.07 18.70
N TYR A 300 -21.08 -18.89 19.98
CA TYR A 300 -21.38 -19.89 21.00
C TYR A 300 -22.87 -20.18 21.08
N TYR A 301 -23.71 -19.14 21.05
CA TYR A 301 -25.15 -19.34 21.05
C TYR A 301 -25.60 -20.15 19.84
N ILE A 302 -25.05 -19.84 18.66
CA ILE A 302 -25.39 -20.58 17.45
C ILE A 302 -25.07 -22.05 17.62
N ASN A 303 -23.89 -22.36 18.17
CA ASN A 303 -23.52 -23.75 18.39
C ASN A 303 -24.47 -24.43 19.37
N GLN A 304 -24.89 -23.72 20.42
CA GLN A 304 -25.79 -24.31 21.39
C GLN A 304 -27.26 -24.25 20.98
N GLY A 305 -27.56 -23.74 19.79
CA GLY A 305 -28.93 -23.70 19.31
C GLY A 305 -29.76 -22.54 19.81
N ASN A 306 -29.17 -21.63 20.59
CA ASN A 306 -29.89 -20.45 21.08
C ASN A 306 -29.89 -19.37 19.99
N ILE A 307 -30.67 -19.64 18.94
CA ILE A 307 -30.63 -18.83 17.74
C ILE A 307 -31.22 -17.44 17.99
N GLU A 308 -32.24 -17.34 18.84
CA GLU A 308 -32.86 -16.03 19.07
C GLU A 308 -31.87 -15.07 19.73
N GLU A 309 -31.12 -15.54 20.72
CA GLU A 309 -30.15 -14.68 21.39
C GLU A 309 -29.00 -14.30 20.47
N ALA A 310 -28.52 -15.26 19.67
CA ALA A 310 -27.47 -14.97 18.70
C ALA A 310 -27.93 -13.93 17.69
N THR A 311 -29.14 -14.11 17.14
CA THR A 311 -29.68 -13.15 16.19
C THR A 311 -29.91 -11.79 16.83
N GLU A 312 -30.20 -11.76 18.12
CA GLU A 312 -30.31 -10.49 18.82
C GLU A 312 -28.95 -9.79 18.85
N ILE A 313 -27.89 -10.53 19.21
CA ILE A 313 -26.55 -9.95 19.23
C ILE A 313 -26.15 -9.46 17.84
N LEU A 314 -26.45 -10.24 16.80
CA LEU A 314 -26.07 -9.83 15.45
C LEU A 314 -26.88 -8.62 14.98
N ASP A 315 -28.16 -8.54 15.38
CA ASP A 315 -28.95 -7.35 15.09
C ASP A 315 -28.36 -6.12 15.75
N GLU A 316 -27.90 -6.25 17.00
CA GLU A 316 -27.20 -5.15 17.63
C GLU A 316 -25.91 -4.81 16.90
N LEU A 317 -25.23 -5.83 16.35
CA LEU A 317 -23.96 -5.58 15.66
C LEU A 317 -24.16 -4.87 14.33
N SER A 318 -25.30 -5.08 13.67
CA SER A 318 -25.53 -4.46 12.36
C SER A 318 -25.52 -2.94 12.46
N SER A 319 -25.89 -2.38 13.61
CA SER A 319 -25.83 -0.94 13.83
C SER A 319 -24.48 -0.46 14.32
N ARG A 320 -23.60 -1.37 14.73
CA ARG A 320 -22.26 -1.01 15.15
C ARG A 320 -21.35 -0.80 13.94
N ASP A 321 -20.23 -0.14 14.18
CA ASP A 321 -19.26 0.17 13.13
C ASP A 321 -18.25 -0.97 13.01
N GLN A 322 -18.73 -2.10 12.47
CA GLN A 322 -17.86 -3.23 12.20
C GLN A 322 -17.00 -2.95 10.97
N ASP A 323 -15.72 -3.28 11.06
CA ASP A 323 -14.86 -3.15 9.89
C ASP A 323 -15.06 -4.36 8.97
N GLU A 324 -14.30 -4.40 7.87
CA GLU A 324 -14.57 -5.37 6.83
C GLU A 324 -14.23 -6.80 7.27
N ASN A 325 -13.14 -6.97 8.03
CA ASN A 325 -12.81 -8.29 8.55
C ASN A 325 -13.88 -8.78 9.52
N GLU A 326 -14.24 -7.93 10.49
CA GLU A 326 -15.36 -8.22 11.38
C GLU A 326 -16.63 -8.52 10.60
N LEU A 327 -16.81 -7.88 9.44
CA LEU A 327 -17.98 -8.18 8.62
C LEU A 327 -17.86 -9.54 7.95
N GLY A 328 -16.64 -9.98 7.65
CA GLY A 328 -16.46 -11.35 7.16
C GLY A 328 -16.91 -12.37 8.18
N PHE A 329 -16.45 -12.22 9.43
CA PHE A 329 -16.95 -13.09 10.49
C PHE A 329 -18.46 -12.94 10.66
N TYR A 330 -18.96 -11.70 10.64
CA TYR A 330 -20.37 -11.42 10.88
C TYR A 330 -21.26 -12.17 9.89
N TYR A 331 -20.97 -12.03 8.59
CA TYR A 331 -21.76 -12.75 7.60
C TYR A 331 -21.49 -14.25 7.63
N TYR A 332 -20.34 -14.69 8.14
CA TYR A 332 -20.16 -16.12 8.36
C TYR A 332 -21.14 -16.65 9.38
N TYR A 333 -21.33 -15.92 10.49
CA TYR A 333 -22.28 -16.36 11.51
C TYR A 333 -23.72 -16.26 11.01
N LYS A 334 -24.04 -15.16 10.31
CA LYS A 334 -25.35 -15.04 9.68
C LYS A 334 -25.62 -16.21 8.75
N GLY A 335 -24.58 -16.67 8.05
CA GLY A 335 -24.75 -17.85 7.20
C GLY A 335 -24.94 -19.12 8.00
N LEU A 336 -24.22 -19.25 9.12
CA LEU A 336 -24.44 -20.39 9.99
C LEU A 336 -25.90 -20.47 10.44
N ILE A 337 -26.51 -19.32 10.72
CA ILE A 337 -27.91 -19.32 11.13
C ILE A 337 -28.82 -19.60 9.94
N SER A 338 -28.66 -18.82 8.86
CA SER A 338 -29.61 -18.87 7.76
C SER A 338 -29.43 -20.08 6.86
N GLN A 339 -28.21 -20.62 6.80
CA GLN A 339 -27.85 -21.66 5.82
C GLN A 339 -28.09 -21.18 4.39
N ASP A 340 -28.03 -19.86 4.17
CA ASP A 340 -28.18 -19.26 2.86
C ASP A 340 -26.79 -18.97 2.31
N LYS A 341 -26.53 -19.44 1.08
CA LYS A 341 -25.19 -19.34 0.51
C LYS A 341 -24.76 -17.88 0.28
N THR A 342 -25.72 -16.97 0.11
CA THR A 342 -25.36 -15.58 -0.15
C THR A 342 -24.63 -14.96 1.05
N ASP A 343 -24.95 -15.41 2.26
CA ASP A 343 -24.26 -14.90 3.43
C ASP A 343 -22.80 -15.34 3.44
N TYR A 344 -22.55 -16.59 3.04
CA TYR A 344 -21.17 -17.05 2.90
C TYR A 344 -20.45 -16.33 1.76
N TYR A 345 -21.17 -15.99 0.69
CA TYR A 345 -20.58 -15.20 -0.39
C TYR A 345 -20.15 -13.83 0.12
N LYS A 346 -21.03 -13.17 0.88
CA LYS A 346 -20.69 -11.86 1.42
C LYS A 346 -19.54 -11.94 2.42
N SER A 347 -19.54 -12.98 3.26
CA SER A 347 -18.41 -13.22 4.15
C SER A 347 -17.11 -13.33 3.35
N ILE A 348 -17.13 -14.07 2.25
CA ILE A 348 -15.96 -14.20 1.40
C ILE A 348 -15.54 -12.84 0.87
N ARG A 349 -16.51 -12.05 0.41
CA ARG A 349 -16.18 -10.74 -0.16
C ARG A 349 -15.54 -9.82 0.87
N TYR A 350 -15.98 -9.91 2.12
CA TYR A 350 -15.40 -9.04 3.14
C TYR A 350 -14.03 -9.54 3.60
N PHE A 351 -13.83 -10.86 3.68
CA PHE A 351 -12.50 -11.37 3.93
C PHE A 351 -11.53 -11.01 2.81
N LYS A 352 -12.02 -10.94 1.57
CA LYS A 352 -11.18 -10.49 0.47
C LYS A 352 -10.85 -9.01 0.59
N LYS A 353 -11.87 -8.18 0.90
CA LYS A 353 -11.64 -6.74 1.02
C LYS A 353 -10.67 -6.41 2.15
N SER A 354 -10.63 -7.23 3.19
CA SER A 354 -9.71 -7.02 4.29
C SER A 354 -8.39 -7.76 4.11
N ASP A 355 -8.18 -8.38 2.94
CA ASP A 355 -6.91 -9.02 2.61
C ASP A 355 -6.56 -10.12 3.62
N ASP A 356 -7.58 -10.85 4.05
CA ASP A 356 -7.43 -11.93 5.02
C ASP A 356 -7.43 -13.25 4.26
N LYS A 357 -6.24 -13.83 4.09
CA LYS A 357 -6.08 -15.09 3.39
C LYS A 357 -6.13 -16.30 4.30
N TYR A 358 -6.42 -16.09 5.59
CA TYR A 358 -6.45 -17.18 6.56
C TYR A 358 -7.88 -17.57 6.95
N PHE A 359 -8.66 -16.61 7.47
CA PHE A 359 -10.00 -16.95 7.94
C PHE A 359 -11.03 -17.03 6.84
N ILE A 360 -10.66 -16.71 5.59
CA ILE A 360 -11.59 -16.88 4.48
C ILE A 360 -11.97 -18.34 4.29
N GLN A 361 -11.21 -19.26 4.87
CA GLN A 361 -11.58 -20.67 4.79
C GLN A 361 -12.82 -20.99 5.61
N LEU A 362 -13.19 -20.11 6.55
CA LEU A 362 -14.40 -20.35 7.34
C LEU A 362 -15.63 -20.53 6.44
N PRO A 363 -16.01 -19.56 5.61
CA PRO A 363 -17.15 -19.81 4.72
C PRO A 363 -16.84 -20.85 3.65
N LEU A 364 -15.62 -20.84 3.11
CA LEU A 364 -15.25 -21.82 2.09
C LEU A 364 -15.46 -23.23 2.58
N LEU A 365 -14.90 -23.57 3.75
CA LEU A 365 -15.14 -24.88 4.36
C LEU A 365 -16.64 -25.16 4.46
N GLN A 366 -17.41 -24.15 4.88
CA GLN A 366 -18.85 -24.35 4.99
C GLN A 366 -19.47 -24.56 3.60
N LEU A 367 -18.97 -23.83 2.60
CA LEU A 367 -19.41 -24.09 1.24
C LEU A 367 -18.99 -25.49 0.79
N GLU A 368 -17.87 -25.99 1.31
CA GLU A 368 -17.40 -27.32 0.94
C GLU A 368 -18.32 -28.39 1.52
N ARG A 369 -18.79 -28.21 2.75
CA ARG A 369 -19.73 -29.16 3.33
C ARG A 369 -21.04 -29.19 2.56
N GLY A 371 -21.52 -29.03 -0.50
CA GLY A 371 -21.38 -29.63 -1.80
C GLY A 371 -20.90 -28.72 -2.91
N ALA A 372 -20.01 -27.77 -2.61
CA ALA A 372 -19.45 -26.91 -3.64
C ALA A 372 -18.22 -27.57 -4.26
N ASP A 373 -17.93 -27.17 -5.49
CA ASP A 373 -16.76 -27.69 -6.19
C ASP A 373 -15.49 -27.28 -5.45
N LEU A 374 -14.76 -28.27 -4.95
CA LEU A 374 -13.59 -28.00 -4.12
C LEU A 374 -12.51 -27.26 -4.90
N GLU A 375 -12.43 -27.49 -6.22
CA GLU A 375 -11.43 -26.79 -7.02
C GLU A 375 -11.77 -25.31 -7.17
N LEU A 376 -13.06 -25.00 -7.42
CA LEU A 376 -13.48 -23.60 -7.44
C LEU A 376 -13.26 -22.94 -6.09
N LEU A 377 -13.53 -23.66 -5.00
CA LEU A 377 -13.28 -23.10 -3.67
C LEU A 377 -11.80 -22.83 -3.46
N ASN A 378 -10.93 -23.74 -3.93
CA ASN A 378 -9.50 -23.53 -3.82
C ASN A 378 -9.05 -22.33 -4.64
N LEU A 379 -9.70 -22.08 -5.78
CA LEU A 379 -9.38 -20.88 -6.54
C LEU A 379 -9.86 -19.62 -5.84
N ILE A 380 -10.97 -19.70 -5.11
CA ILE A 380 -11.46 -18.54 -4.38
C ILE A 380 -10.53 -18.18 -3.22
N SER A 381 -9.93 -19.18 -2.58
CA SER A 381 -9.12 -18.94 -1.38
C SER A 381 -7.87 -18.11 -1.68
N ILE A 382 -7.46 -18.01 -2.94
CA ILE A 382 -6.26 -17.27 -3.27
C ILE A 382 -6.55 -16.23 -4.35
N LYS B 1 12.66 31.18 -34.89
CA LYS B 1 11.85 31.83 -33.88
C LYS B 1 10.37 31.56 -34.11
N LEU B 2 9.69 31.14 -33.03
CA LEU B 2 8.30 30.69 -33.14
C LEU B 2 7.34 31.84 -33.45
N LYS B 3 7.68 33.06 -33.03
CA LYS B 3 6.77 34.19 -33.25
C LYS B 3 6.52 34.43 -34.74
N GLN B 4 7.60 34.45 -35.53
CA GLN B 4 7.46 34.76 -36.94
C GLN B 4 6.80 33.61 -37.70
N ILE B 6 4.31 31.73 -36.78
CA ILE B 6 2.86 31.86 -36.67
C ILE B 6 2.35 32.95 -37.61
N LYS B 7 3.03 34.10 -37.63
CA LYS B 7 2.63 35.18 -38.52
C LYS B 7 2.73 34.76 -39.98
N ASN B 8 3.72 33.94 -40.32
CA ASN B 8 3.87 33.49 -41.70
C ASN B 8 2.68 32.65 -42.14
N GLU B 9 2.17 31.80 -41.24
CA GLU B 9 0.98 31.03 -41.56
C GLU B 9 -0.24 31.94 -41.72
N CYS B 10 -0.33 33.00 -40.92
CA CYS B 10 -1.46 33.91 -40.96
C CYS B 10 -1.29 35.04 -41.97
N GLU B 11 -0.09 35.18 -42.56
CA GLU B 11 0.21 36.35 -43.37
C GLU B 11 -0.72 36.47 -44.57
N LYS B 12 -1.02 35.35 -45.23
CA LYS B 12 -1.81 35.35 -46.45
C LYS B 12 -3.24 34.84 -46.26
N ASP B 13 -3.63 34.47 -45.05
CA ASP B 13 -4.96 33.90 -44.79
C ASP B 13 -5.57 34.63 -43.61
N ASN B 14 -6.43 35.62 -43.90
CA ASN B 14 -7.08 36.37 -42.84
C ASN B 14 -8.10 35.51 -42.09
N GLN B 15 -8.72 34.55 -42.78
CA GLN B 15 -9.65 33.65 -42.12
C GLN B 15 -8.92 32.75 -41.13
N LEU B 16 -7.74 32.24 -41.53
CA LEU B 16 -6.92 31.46 -40.61
C LEU B 16 -6.50 32.29 -39.41
N ALA B 17 -6.13 33.55 -39.64
CA ALA B 17 -5.76 34.42 -38.53
C ALA B 17 -6.95 34.67 -37.61
N ALA B 18 -8.16 34.70 -38.15
CA ALA B 18 -9.34 34.94 -37.32
C ALA B 18 -9.69 33.70 -36.48
N ARG B 19 -9.65 32.52 -37.09
CA ARG B 19 -9.96 31.32 -36.31
C ARG B 19 -8.84 30.99 -35.34
N LEU B 20 -7.61 31.40 -35.64
CA LEU B 20 -6.52 31.22 -34.68
C LEU B 20 -6.63 32.23 -33.54
N ALA B 21 -7.09 33.45 -33.85
CA ALA B 21 -7.37 34.42 -32.79
C ALA B 21 -8.48 33.90 -31.87
N LYS B 22 -9.53 33.33 -32.45
CA LYS B 22 -10.57 32.71 -31.64
C LYS B 22 -10.02 31.57 -30.81
N LEU B 23 -9.18 30.71 -31.41
CA LEU B 23 -8.63 29.57 -30.70
C LEU B 23 -7.76 30.02 -29.52
N ALA B 24 -7.02 31.12 -29.69
CA ALA B 24 -6.18 31.64 -28.62
C ALA B 24 -6.95 32.48 -27.61
N GLY B 25 -8.25 32.69 -27.81
CA GLY B 25 -9.05 33.43 -26.87
C GLY B 25 -9.08 34.93 -27.09
N TYR B 26 -9.02 35.38 -28.35
CA TYR B 26 -9.04 36.79 -28.67
C TYR B 26 -10.24 37.13 -29.54
N GLU B 27 -10.91 38.22 -29.21
CA GLU B 27 -12.04 38.67 -30.01
C GLU B 27 -11.59 39.25 -31.35
N LYS B 28 -10.47 39.96 -31.36
CA LYS B 28 -9.97 40.63 -32.56
C LYS B 28 -8.58 40.12 -32.91
N VAL B 29 -8.28 40.14 -34.21
CA VAL B 29 -7.04 39.54 -34.70
C VAL B 29 -5.83 40.33 -34.23
N ASN B 30 -5.97 41.64 -34.04
CA ASN B 30 -4.81 42.46 -33.68
C ASN B 30 -4.33 42.15 -32.27
N GLY B 31 -5.24 41.81 -31.35
CA GLY B 31 -4.80 41.33 -30.05
C GLY B 31 -4.02 40.03 -30.16
N PHE B 32 -4.50 39.13 -31.02
CA PHE B 32 -3.76 37.90 -31.30
C PHE B 32 -2.37 38.19 -31.83
N TYR B 33 -2.24 39.14 -32.75
CA TYR B 33 -0.94 39.46 -33.32
C TYR B 33 -0.01 40.09 -32.28
N LYS B 34 -0.54 41.02 -31.47
CA LYS B 34 0.27 41.61 -30.41
C LYS B 34 0.74 40.55 -29.43
N PHE B 35 -0.10 39.55 -29.17
CA PHE B 35 0.30 38.43 -28.31
C PHE B 35 1.41 37.62 -28.98
N VAL B 36 1.25 37.29 -30.25
CA VAL B 36 2.22 36.46 -30.95
C VAL B 36 3.54 37.19 -31.11
N ASN B 37 3.51 38.51 -31.24
CA ASN B 37 4.72 39.30 -31.40
C ASN B 37 5.41 39.63 -30.07
N THR B 38 4.91 39.11 -28.96
CA THR B 38 5.51 39.40 -27.67
C THR B 38 6.87 38.73 -27.53
N PRO B 39 7.94 39.46 -27.25
CA PRO B 39 9.23 38.82 -27.00
C PRO B 39 9.13 37.82 -25.85
N GLU B 40 9.91 36.74 -25.97
CA GLU B 40 9.83 35.66 -24.99
C GLU B 40 10.09 36.18 -23.58
N LYS B 41 11.06 37.08 -23.41
CA LYS B 41 11.37 37.62 -22.09
C LYS B 41 10.23 38.45 -21.52
N GLU B 42 9.35 38.97 -22.37
CA GLU B 42 8.23 39.80 -21.95
C GLU B 42 6.94 39.03 -21.76
N GLU B 44 4.14 36.89 -20.11
CA GLU B 44 3.65 36.74 -18.75
C GLU B 44 2.92 35.42 -18.52
N ASN B 45 2.17 34.96 -19.52
CA ASN B 45 1.31 33.79 -19.41
C ASN B 45 1.27 33.13 -20.78
N LEU B 46 1.41 31.81 -20.80
CA LEU B 46 1.44 31.10 -22.08
C LEU B 46 0.10 31.23 -22.81
N GLY B 47 -0.99 31.38 -22.08
CA GLY B 47 -2.28 31.65 -22.69
C GLY B 47 -2.66 30.64 -23.74
N GLY B 48 -3.03 31.13 -24.92
CA GLY B 48 -3.40 30.29 -26.02
C GLY B 48 -2.28 29.86 -26.93
N LEU B 49 -1.02 30.19 -26.57
CA LEU B 49 0.10 29.84 -27.43
C LEU B 49 0.19 28.34 -27.65
N LEU B 50 -0.02 27.55 -26.59
CA LEU B 50 0.07 26.10 -26.72
C LEU B 50 -0.96 25.56 -27.70
N LYS B 51 -2.18 26.08 -27.65
CA LYS B 51 -3.20 25.69 -28.63
C LYS B 51 -2.78 26.08 -30.04
N ILE B 52 -2.14 27.25 -30.19
CA ILE B 52 -1.73 27.71 -31.51
C ILE B 52 -0.64 26.80 -32.08
N VAL B 53 0.35 26.47 -31.26
CA VAL B 53 1.47 25.64 -31.72
C VAL B 53 0.98 24.24 -32.04
N LYS B 54 0.15 23.66 -31.15
CA LYS B 54 -0.41 22.35 -31.42
C LYS B 54 -1.21 22.33 -32.72
N ASN B 55 -1.94 23.41 -33.00
CA ASN B 55 -2.78 23.45 -34.20
C ASN B 55 -1.96 23.65 -35.47
N LEU B 56 -0.94 24.52 -35.42
CA LEU B 56 -0.15 24.84 -36.60
C LEU B 56 0.98 23.84 -36.84
N PHE B 57 1.72 23.49 -35.80
CA PHE B 57 2.89 22.61 -35.93
C PHE B 57 2.82 21.47 -34.92
N PRO B 58 1.82 20.58 -35.04
CA PRO B 58 1.72 19.48 -34.06
C PRO B 58 2.90 18.52 -34.11
N ASP B 59 3.50 18.32 -35.28
CA ASP B 59 4.56 17.34 -35.42
C ASP B 59 5.94 17.89 -35.07
N SER B 60 6.06 19.21 -34.86
CA SER B 60 7.31 19.83 -34.42
C SER B 60 7.19 20.43 -33.03
N GLU B 61 6.05 20.22 -32.36
CA GLU B 61 5.73 20.94 -31.14
C GLU B 61 6.85 20.86 -30.11
N GLU B 62 7.44 19.68 -29.92
CA GLU B 62 8.50 19.52 -28.93
C GLU B 62 9.69 20.41 -29.27
N GLN B 63 10.14 20.36 -30.53
CA GLN B 63 11.35 21.09 -30.90
C GLN B 63 11.15 22.59 -30.75
N LEU B 64 10.14 23.14 -31.42
CA LEU B 64 9.90 24.58 -31.39
C LEU B 64 9.78 25.09 -29.96
N LEU B 65 8.83 24.54 -29.20
CA LEU B 65 8.64 24.97 -27.82
C LEU B 65 9.89 24.79 -26.99
N SER B 66 10.73 23.79 -27.32
CA SER B 66 11.96 23.60 -26.55
C SER B 66 12.87 24.82 -26.68
N GLU B 67 12.93 25.40 -27.89
CA GLU B 67 13.66 26.65 -28.05
C GLU B 67 12.91 27.83 -27.45
N TYR B 68 11.58 27.77 -27.45
CA TYR B 68 10.79 28.90 -26.96
C TYR B 68 10.80 28.95 -25.43
N PHE B 69 10.51 27.82 -24.78
CA PHE B 69 10.47 27.79 -23.32
C PHE B 69 11.78 28.28 -22.71
N LEU B 70 12.91 27.88 -23.29
CA LEU B 70 14.21 28.24 -22.73
C LEU B 70 14.50 29.73 -22.87
N GLU B 71 13.73 30.46 -23.67
CA GLU B 71 13.90 31.91 -23.78
C GLU B 71 12.97 32.69 -22.85
N LEU B 72 12.04 32.01 -22.18
CA LEU B 72 11.14 32.69 -21.27
C LEU B 72 11.89 33.21 -20.05
N ASP B 73 11.28 34.19 -19.39
CA ASP B 73 11.78 34.67 -18.12
C ASP B 73 11.49 33.63 -17.05
N PRO B 74 12.52 33.03 -16.43
CA PRO B 74 12.25 32.01 -15.41
C PRO B 74 11.48 32.52 -14.19
N ASN B 75 11.46 33.85 -13.98
CA ASN B 75 10.80 34.43 -12.83
C ASN B 75 9.28 34.55 -12.99
N LYS B 76 8.73 34.23 -14.16
CA LYS B 76 7.34 34.53 -14.45
C LYS B 76 6.51 33.26 -14.54
N LYS B 77 5.19 33.47 -14.63
CA LYS B 77 4.24 32.36 -14.56
C LYS B 77 4.38 31.44 -15.77
N CYS B 78 4.64 32.01 -16.95
CA CYS B 78 4.71 31.20 -18.16
C CYS B 78 5.85 30.18 -18.10
N ALA B 79 6.89 30.45 -17.30
CA ALA B 79 7.96 29.47 -17.13
C ALA B 79 7.48 28.26 -16.33
N ARG B 80 6.72 28.51 -15.26
CA ARG B 80 6.18 27.41 -14.47
C ARG B 80 5.17 26.60 -15.27
N GLN B 81 4.25 27.29 -15.95
CA GLN B 81 3.39 26.62 -16.92
C GLN B 81 4.21 25.78 -17.90
N SER B 82 5.35 26.32 -18.35
CA SER B 82 6.16 25.61 -19.32
C SER B 82 6.74 24.33 -18.74
N VAL B 83 7.18 24.36 -17.47
CA VAL B 83 7.70 23.14 -16.88
C VAL B 83 6.60 22.09 -16.77
N GLU B 84 5.37 22.51 -16.44
CA GLU B 84 4.30 21.53 -16.37
C GLU B 84 3.98 20.95 -17.74
N TYR B 85 3.84 21.80 -18.76
CA TYR B 85 3.52 21.30 -20.10
C TYR B 85 4.61 20.36 -20.60
N SER B 86 5.88 20.74 -20.43
CA SER B 86 6.97 19.88 -20.85
C SER B 86 6.95 18.55 -20.12
N ASP B 87 6.70 18.56 -18.80
CA ASP B 87 6.75 17.31 -18.06
C ASP B 87 5.56 16.41 -18.41
N ILE B 88 4.37 16.98 -18.59
CA ILE B 88 3.22 16.15 -18.90
C ILE B 88 3.34 15.59 -20.32
N ASN B 89 4.04 16.30 -21.21
CA ASN B 89 4.39 15.70 -22.49
C ASN B 89 5.56 14.74 -22.38
N GLN B 90 6.23 14.68 -21.23
CA GLN B 90 7.38 13.80 -21.00
C GLN B 90 8.54 14.15 -21.93
N TRP B 91 8.82 15.45 -22.04
CA TRP B 91 10.01 15.96 -22.73
C TRP B 91 11.11 16.14 -21.69
N ASP B 92 11.72 15.01 -21.32
CA ASP B 92 12.55 14.95 -20.11
C ASP B 92 13.73 15.91 -20.17
N THR B 93 14.42 15.97 -21.31
CA THR B 93 15.58 16.86 -21.44
C THR B 93 15.18 18.31 -21.21
N LEU B 94 14.21 18.78 -22.00
CA LEU B 94 13.66 20.11 -21.83
C LEU B 94 13.18 20.33 -20.40
N THR B 95 12.50 19.34 -19.82
CA THR B 95 11.98 19.49 -18.46
C THR B 95 13.10 19.74 -17.47
N ASP B 96 14.16 18.93 -17.52
CA ASP B 96 15.26 19.11 -16.57
C ASP B 96 15.96 20.45 -16.77
N LYS B 97 16.09 20.90 -18.02
CA LYS B 97 16.66 22.22 -18.24
C LYS B 97 15.80 23.31 -17.61
N ILE B 98 14.48 23.24 -17.84
CA ILE B 98 13.58 24.23 -17.25
C ILE B 98 13.64 24.17 -15.73
N ILE B 99 13.79 22.97 -15.16
CA ILE B 99 13.88 22.83 -13.72
C ILE B 99 15.13 23.52 -13.20
N ILE B 100 16.25 23.38 -13.90
CA ILE B 100 17.46 24.08 -13.50
C ILE B 100 17.24 25.59 -13.57
N ASN B 101 16.59 26.08 -14.62
CA ASN B 101 16.34 27.52 -14.73
C ASN B 101 15.42 28.01 -13.61
N LEU B 102 14.42 27.21 -13.23
CA LEU B 102 13.50 27.62 -12.17
C LEU B 102 14.19 27.62 -10.82
N CYS B 103 15.06 26.64 -10.56
CA CYS B 103 15.78 26.61 -9.30
C CYS B 103 16.78 27.76 -9.21
N ASN B 104 17.42 28.10 -10.33
CA ASN B 104 18.33 29.24 -10.35
C ASN B 104 17.59 30.57 -10.48
N SER B 105 16.27 30.56 -10.54
CA SER B 105 15.49 31.78 -10.63
C SER B 105 15.61 32.58 -9.33
N LYS B 106 15.23 33.85 -9.41
CA LYS B 106 15.21 34.73 -8.25
C LYS B 106 13.80 34.93 -7.69
N ASN B 107 12.78 34.45 -8.39
CA ASN B 107 11.40 34.51 -7.93
C ASN B 107 11.12 33.33 -6.99
N SER B 108 10.53 33.63 -5.83
CA SER B 108 10.33 32.60 -4.81
C SER B 108 9.44 31.48 -5.34
N THR B 109 8.33 31.84 -5.99
CA THR B 109 7.41 30.83 -6.51
C THR B 109 8.08 29.96 -7.56
N SER B 110 8.87 30.56 -8.46
CA SER B 110 9.58 29.79 -9.47
C SER B 110 10.57 28.82 -8.84
N GLN B 111 11.30 29.28 -7.82
CA GLN B 111 12.22 28.38 -7.12
C GLN B 111 11.47 27.22 -6.49
N GLU B 112 10.31 27.50 -5.89
CA GLU B 112 9.50 26.44 -5.29
C GLU B 112 9.07 25.41 -6.35
N TRP B 113 8.54 25.89 -7.47
CA TRP B 113 8.17 24.99 -8.56
C TRP B 113 9.37 24.16 -9.01
N GLY B 114 10.53 24.79 -9.18
CA GLY B 114 11.70 24.06 -9.63
C GLY B 114 12.12 22.98 -8.64
N LYS B 115 12.00 23.27 -7.35
CA LYS B 115 12.35 22.27 -6.33
C LYS B 115 11.38 21.10 -6.35
N VAL B 116 10.08 21.39 -6.40
CA VAL B 116 9.08 20.32 -6.39
C VAL B 116 9.25 19.44 -7.63
N TYR B 117 9.32 20.05 -8.80
CA TYR B 117 9.49 19.27 -10.03
C TYR B 117 10.83 18.55 -10.06
N SER B 118 11.85 19.12 -9.42
CA SER B 118 13.13 18.42 -9.31
C SER B 118 12.97 17.14 -8.50
N LEU B 119 12.26 17.21 -7.38
CA LEU B 119 11.96 16.00 -6.62
C LEU B 119 11.15 15.01 -7.45
N HIS B 120 10.16 15.51 -8.18
CA HIS B 120 9.34 14.65 -9.04
C HIS B 120 10.19 13.90 -10.06
N ARG B 121 11.14 14.60 -10.68
CA ARG B 121 12.00 13.96 -11.66
C ARG B 121 12.96 12.98 -11.01
N LYS B 122 13.47 13.32 -9.81
CA LYS B 122 14.29 12.37 -9.08
C LYS B 122 13.51 11.10 -8.76
N LEU B 123 12.21 11.25 -8.47
CA LEU B 123 11.36 10.06 -8.25
C LEU B 123 11.15 9.30 -9.56
N ASN B 124 10.99 10.01 -10.68
CA ASN B 124 10.87 9.32 -11.96
C ASN B 124 12.10 8.48 -12.26
N LYS B 125 13.29 9.04 -12.03
CA LYS B 125 14.55 8.37 -12.32
C LYS B 125 14.95 7.37 -11.25
N ASN B 126 14.16 7.23 -10.19
CA ASN B 126 14.50 6.38 -9.04
C ASN B 126 15.84 6.80 -8.44
N GLU B 127 16.06 8.12 -8.38
CA GLU B 127 17.26 8.69 -7.79
C GLU B 127 17.04 9.15 -6.36
N ILE B 128 15.81 9.07 -5.86
CA ILE B 128 15.48 9.42 -4.49
C ILE B 128 14.40 8.48 -4.00
N SER B 129 14.43 8.18 -2.71
CA SER B 129 13.40 7.31 -2.15
C SER B 129 12.11 8.11 -1.94
N LEU B 130 11.01 7.37 -1.77
CA LEU B 130 9.72 8.02 -1.56
C LEU B 130 9.69 8.81 -0.27
N ASN B 131 10.17 8.21 0.82
CA ASN B 131 10.22 8.92 2.09
C ASN B 131 11.20 10.09 2.04
N ASP B 132 12.35 9.89 1.39
CA ASP B 132 13.26 11.01 1.15
C ASP B 132 12.57 12.15 0.43
N ALA B 133 11.74 11.81 -0.57
CA ALA B 133 11.01 12.84 -1.30
C ALA B 133 9.99 13.53 -0.41
N ILE B 134 9.36 12.79 0.50
CA ILE B 134 8.41 13.40 1.43
C ILE B 134 9.11 14.39 2.33
N ARG B 135 10.27 13.99 2.87
CA ARG B 135 11.05 14.86 3.74
C ARG B 135 11.52 16.11 3.01
N GLU B 136 12.20 15.93 1.89
CA GLU B 136 12.71 17.05 1.10
C GLU B 136 11.58 17.98 0.67
N SER B 137 10.41 17.42 0.32
CA SER B 137 9.24 18.25 0.09
C SER B 137 8.88 19.04 1.34
N GLY B 138 9.09 18.44 2.52
CA GLY B 138 8.95 19.20 3.74
C GLY B 138 9.95 20.33 3.86
N LYS B 139 11.09 20.22 3.16
CA LYS B 139 12.10 21.28 3.18
C LYS B 139 11.93 22.31 2.06
N CYS B 140 11.08 22.05 1.06
CA CYS B 140 11.05 22.88 -0.14
C CYS B 140 10.37 24.23 0.07
N LYS B 141 9.88 24.54 1.27
CA LYS B 141 9.22 25.81 1.55
C LYS B 141 8.03 26.04 0.63
N ILE B 142 7.18 25.02 0.52
CA ILE B 142 6.07 25.03 -0.42
C ILE B 142 4.97 25.94 0.10
N LYS B 143 4.70 27.02 -0.63
CA LYS B 143 3.65 27.97 -0.25
C LYS B 143 2.50 28.03 -1.25
N SER B 144 2.77 27.87 -2.55
CA SER B 144 1.72 28.04 -3.55
C SER B 144 0.77 26.86 -3.50
N ALA B 145 -0.50 27.13 -3.86
CA ALA B 145 -1.50 26.07 -3.90
C ALA B 145 -1.11 24.99 -4.90
N GLU B 146 -0.77 25.42 -6.13
CA GLU B 146 -0.42 24.46 -7.19
C GLU B 146 0.60 23.44 -6.72
N LEU B 148 1.55 22.83 -3.63
CA LEU B 148 0.92 22.07 -2.56
C LEU B 148 0.12 20.91 -3.12
N PHE B 149 -0.60 21.16 -4.22
CA PHE B 149 -1.25 20.07 -4.95
C PHE B 149 -0.21 19.11 -5.51
N PHE B 150 0.75 19.65 -6.27
CA PHE B 150 1.61 18.78 -7.07
C PHE B 150 2.55 17.97 -6.20
N SER B 151 2.98 18.51 -5.06
CA SER B 151 3.82 17.74 -4.14
C SER B 151 3.10 16.49 -3.65
N ASN B 152 1.76 16.53 -3.57
CA ASN B 152 1.03 15.34 -3.21
C ASN B 152 0.76 14.46 -4.43
N ALA B 153 0.29 15.07 -5.52
CA ALA B 153 -0.03 14.31 -6.72
C ALA B 153 1.18 13.52 -7.22
N LEU B 155 3.42 12.10 -5.56
CA LEU B 155 3.57 10.89 -4.77
C LEU B 155 2.74 9.74 -5.34
N TYR B 157 2.25 8.98 -8.43
CA TYR B 157 3.05 8.30 -9.46
C TYR B 157 4.02 7.32 -8.80
N ALA B 158 4.70 7.75 -7.75
CA ALA B 158 5.65 6.87 -7.07
C ALA B 158 4.94 5.67 -6.44
N TYR B 159 3.79 5.92 -5.79
CA TYR B 159 3.02 4.81 -5.24
C TYR B 159 2.51 3.88 -6.33
N LEU B 160 2.20 4.42 -7.52
CA LEU B 160 1.79 3.57 -8.62
C LEU B 160 2.91 2.66 -9.09
N ASN B 161 4.15 3.18 -9.10
CA ASN B 161 5.27 2.39 -9.58
C ASN B 161 5.56 1.20 -8.68
N ILE B 162 5.22 1.29 -7.39
CA ILE B 162 5.40 0.18 -6.47
C ILE B 162 4.10 -0.55 -6.19
N GLY B 163 3.06 -0.28 -6.97
CA GLY B 163 1.80 -1.00 -6.83
C GLY B 163 1.08 -0.78 -5.52
N GLU B 164 1.30 0.36 -4.85
CA GLU B 164 0.64 0.66 -3.59
C GLU B 164 -0.56 1.54 -3.87
N PHE B 165 -1.66 0.90 -4.26
CA PHE B 165 -2.85 1.63 -4.69
C PHE B 165 -3.61 2.22 -3.50
N GLY B 166 -3.49 1.63 -2.32
CA GLY B 166 -4.12 2.17 -1.14
C GLY B 166 -3.63 3.58 -0.85
N LEU B 167 -2.31 3.70 -0.69
CA LEU B 167 -1.72 5.02 -0.41
C LEU B 167 -2.06 6.01 -1.51
N LYS B 169 -4.77 6.17 -3.21
CA LYS B 169 -6.10 6.64 -2.83
C LYS B 169 -6.00 7.67 -1.72
N SER B 170 -5.32 7.33 -0.62
CA SER B 170 -5.23 8.27 0.49
C SER B 170 -4.59 9.57 0.03
N THR B 171 -3.55 9.48 -0.79
CA THR B 171 -2.91 10.68 -1.29
C THR B 171 -3.88 11.54 -2.08
N SER B 172 -4.69 10.92 -2.93
CA SER B 172 -5.64 11.69 -3.72
C SER B 172 -6.72 12.31 -2.85
N LYS B 173 -6.92 11.80 -1.63
CA LYS B 173 -7.87 12.43 -0.73
C LYS B 173 -7.35 13.73 -0.14
N LEU B 174 -6.05 14.00 -0.26
CA LEU B 174 -5.47 15.24 0.25
C LEU B 174 -5.43 16.34 -0.80
N LEU B 175 -5.82 16.06 -2.04
CA LEU B 175 -5.75 17.03 -3.11
C LEU B 175 -6.92 18.01 -2.98
N GLU B 176 -6.60 19.31 -2.95
CA GLU B 176 -7.61 20.36 -2.85
C GLU B 176 -7.70 21.03 -4.22
N PHE B 177 -8.62 20.54 -5.05
CA PHE B 177 -8.83 21.16 -6.35
C PHE B 177 -9.41 22.56 -6.20
N ASP B 178 -10.20 22.81 -5.15
CA ASP B 178 -10.80 24.13 -4.95
C ASP B 178 -9.77 25.22 -4.72
N ASP B 179 -8.57 24.86 -4.27
CA ASP B 179 -7.50 25.84 -4.10
C ASP B 179 -6.86 26.24 -5.42
N LEU B 180 -7.14 25.53 -6.53
CA LEU B 180 -6.55 25.84 -7.83
C LEU B 180 -7.49 26.70 -8.64
N PRO B 181 -7.04 27.85 -9.12
CA PRO B 181 -7.86 28.63 -10.06
C PRO B 181 -7.97 27.93 -11.40
N GLU B 182 -9.00 28.30 -12.14
CA GLU B 182 -9.15 27.77 -13.50
C GLU B 182 -7.99 28.23 -14.37
N GLY B 183 -7.62 27.40 -15.33
CA GLY B 183 -6.54 27.71 -16.24
C GLY B 183 -5.78 26.47 -16.63
N PHE B 184 -4.68 26.70 -17.37
CA PHE B 184 -3.90 25.59 -17.91
C PHE B 184 -3.45 24.63 -16.82
N ILE B 185 -2.89 25.18 -15.73
CA ILE B 185 -2.31 24.34 -14.68
C ILE B 185 -3.37 23.40 -14.10
N LYS B 186 -4.53 23.96 -13.73
CA LYS B 186 -5.57 23.12 -13.11
C LYS B 186 -6.06 22.05 -14.08
N GLU B 187 -6.22 22.41 -15.35
CA GLU B 187 -6.60 21.43 -16.37
C GLU B 187 -5.58 20.30 -16.46
N SER B 188 -4.29 20.65 -16.47
CA SER B 188 -3.23 19.66 -16.60
C SER B 188 -3.19 18.73 -15.39
N PHE B 189 -3.26 19.31 -14.18
CA PHE B 189 -3.28 18.51 -12.97
C PHE B 189 -4.51 17.60 -12.95
N LYS B 190 -5.65 18.12 -13.40
CA LYS B 190 -6.86 17.31 -13.47
C LYS B 190 -6.67 16.12 -14.40
N SER B 191 -6.02 16.32 -15.54
CA SER B 191 -5.76 15.19 -16.44
C SER B 191 -4.83 14.17 -15.78
N ARG B 192 -3.76 14.65 -15.12
CA ARG B 192 -2.86 13.74 -14.41
C ARG B 192 -3.61 12.88 -13.41
N VAL B 193 -4.25 13.53 -12.44
CA VAL B 193 -4.94 12.81 -11.37
C VAL B 193 -6.05 11.94 -11.93
N SER B 194 -6.71 12.39 -13.01
CA SER B 194 -7.78 11.59 -13.59
C SER B 194 -7.24 10.29 -14.16
N LEU B 196 -4.45 8.79 -13.15
CA LEU B 196 -4.05 8.00 -11.99
C LEU B 196 -5.25 7.32 -11.34
N GLU B 197 -6.32 8.07 -11.09
CA GLU B 197 -7.55 7.52 -10.53
C GLU B 197 -8.11 6.42 -11.42
N ALA B 198 -8.02 6.60 -12.75
CA ALA B 198 -8.40 5.53 -13.66
C ALA B 198 -7.58 4.28 -13.39
N ASN B 199 -6.28 4.44 -13.09
CA ASN B 199 -5.46 3.28 -12.77
C ASN B 199 -5.92 2.61 -11.47
N ILE B 200 -6.29 3.42 -10.47
CA ILE B 200 -6.82 2.86 -9.22
C ILE B 200 -8.10 2.06 -9.49
N SER B 201 -9.01 2.65 -10.27
CA SER B 201 -10.28 1.99 -10.57
C SER B 201 -10.05 0.70 -11.34
N LEU B 202 -9.11 0.71 -12.29
CA LEU B 202 -8.75 -0.53 -12.99
C LEU B 202 -8.21 -1.57 -12.02
N ASN B 203 -7.36 -1.16 -11.08
CA ASN B 203 -6.80 -2.10 -10.13
C ASN B 203 -7.89 -2.72 -9.25
N GLU B 204 -8.94 -1.96 -8.92
CA GLU B 204 -10.05 -2.52 -8.16
C GLU B 204 -11.19 -3.00 -9.07
N ASN B 205 -10.99 -2.98 -10.39
CA ASN B 205 -11.97 -3.48 -11.36
C ASN B 205 -13.29 -2.72 -11.28
N SER B 206 -13.21 -1.42 -11.04
CA SER B 206 -14.38 -0.53 -11.05
C SER B 206 -14.49 0.07 -12.46
N LEU B 207 -15.28 -0.59 -13.31
CA LEU B 207 -15.29 -0.24 -14.73
C LEU B 207 -15.93 1.12 -14.97
N LEU B 208 -17.08 1.37 -14.35
CA LEU B 208 -17.75 2.66 -14.53
C LEU B 208 -16.85 3.82 -14.11
N GLU B 209 -16.24 3.70 -12.93
CA GLU B 209 -15.38 4.77 -12.43
C GLU B 209 -14.17 4.94 -13.34
N ALA B 210 -13.59 3.82 -13.81
CA ALA B 210 -12.47 3.91 -14.75
C ALA B 210 -12.85 4.70 -16.00
N ARG B 211 -14.02 4.39 -16.57
CA ARG B 211 -14.47 5.11 -17.75
C ARG B 211 -14.67 6.59 -17.45
N GLN B 212 -15.29 6.91 -16.31
CA GLN B 212 -15.56 8.32 -16.00
C GLN B 212 -14.27 9.09 -15.78
N HIS B 213 -13.30 8.50 -15.07
CA HIS B 213 -12.01 9.16 -14.90
C HIS B 213 -11.31 9.36 -16.23
N SER B 214 -11.40 8.36 -17.12
CA SER B 214 -10.81 8.50 -18.45
C SER B 214 -11.47 9.64 -19.22
N ASN B 215 -12.80 9.77 -19.11
CA ASN B 215 -13.49 10.85 -19.78
C ASN B 215 -13.09 12.21 -19.20
N ARG B 216 -12.94 12.30 -17.87
CA ARG B 216 -12.47 13.54 -17.27
C ARG B 216 -11.09 13.91 -17.81
N ALA B 217 -10.19 12.92 -17.90
CA ALA B 217 -8.87 13.19 -18.45
C ALA B 217 -8.96 13.68 -19.89
N ILE B 218 -9.80 13.05 -20.70
CA ILE B 218 -9.97 13.47 -22.09
C ILE B 218 -10.46 14.91 -22.15
N GLU B 219 -11.45 15.26 -21.32
CA GLU B 219 -12.02 16.60 -21.33
C GLU B 219 -11.00 17.66 -20.94
N ASN B 220 -9.97 17.29 -20.18
CA ASN B 220 -9.00 18.26 -19.68
C ASN B 220 -7.64 18.16 -20.34
N SER B 221 -7.51 17.42 -21.44
CA SER B 221 -6.20 17.22 -22.04
C SER B 221 -6.29 17.18 -23.56
N ASN B 222 -5.27 17.74 -24.20
CA ASN B 222 -5.06 17.56 -25.63
C ASN B 222 -3.73 16.87 -25.92
N VAL B 223 -3.08 16.30 -24.90
CA VAL B 223 -1.86 15.53 -25.10
C VAL B 223 -2.22 14.19 -25.73
N ASN B 224 -1.50 13.82 -26.80
CA ASN B 224 -1.83 12.60 -27.53
C ASN B 224 -1.69 11.36 -26.65
N ARG B 225 -0.66 11.32 -25.81
CA ARG B 225 -0.44 10.15 -24.97
C ARG B 225 -1.60 9.93 -24.00
N ILE B 226 -2.03 11.01 -23.33
CA ILE B 226 -3.08 10.91 -22.32
C ILE B 226 -4.41 10.51 -22.96
N CYS B 227 -4.77 11.19 -24.05
CA CYS B 227 -6.03 10.89 -24.72
C CYS B 227 -6.04 9.47 -25.29
N PHE B 228 -4.92 9.07 -25.90
CA PHE B 228 -4.81 7.72 -26.43
C PHE B 228 -5.02 6.68 -25.34
N PHE B 229 -4.27 6.79 -24.24
CA PHE B 229 -4.42 5.79 -23.19
C PHE B 229 -5.78 5.87 -22.51
N ALA B 230 -6.42 7.03 -22.52
CA ALA B 230 -7.76 7.14 -21.96
C ALA B 230 -8.77 6.37 -22.81
N TYR B 231 -8.76 6.60 -24.13
CA TYR B 231 -9.68 5.85 -25.00
C TYR B 231 -9.35 4.36 -25.01
N LEU B 232 -8.07 4.02 -24.95
CA LEU B 232 -7.68 2.62 -24.83
C LEU B 232 -8.24 2.00 -23.55
N THR B 233 -8.20 2.76 -22.45
CA THR B 233 -8.78 2.28 -21.20
C THR B 233 -10.28 2.05 -21.34
N ILE B 234 -10.98 3.01 -21.95
CA ILE B 234 -12.43 2.89 -22.11
C ILE B 234 -12.78 1.64 -22.92
N GLY B 235 -12.16 1.50 -24.10
CA GLY B 235 -12.37 0.32 -24.91
C GLY B 235 -12.05 -0.96 -24.17
N ASN B 236 -10.98 -0.93 -23.36
CA ASN B 236 -10.61 -2.11 -22.60
C ASN B 236 -11.68 -2.47 -21.57
N THR B 237 -12.30 -1.46 -20.95
CA THR B 237 -13.38 -1.75 -20.02
C THR B 237 -14.63 -2.24 -20.72
N LEU B 238 -14.79 -1.94 -22.01
CA LEU B 238 -15.98 -2.37 -22.74
C LEU B 238 -15.81 -3.70 -23.48
N ILE B 239 -14.73 -4.45 -23.23
CA ILE B 239 -14.40 -5.59 -24.08
C ILE B 239 -15.45 -6.68 -23.98
N PHE B 240 -15.89 -7.02 -22.77
CA PHE B 240 -16.81 -8.13 -22.58
C PHE B 240 -18.28 -7.71 -22.57
N GLU B 241 -18.57 -6.41 -22.74
CA GLU B 241 -19.94 -5.91 -22.66
C GLU B 241 -20.56 -5.62 -24.02
N ASP B 242 -19.96 -4.71 -24.78
CA ASP B 242 -20.52 -4.26 -26.04
C ASP B 242 -19.39 -4.11 -27.06
N TYR B 243 -19.47 -4.87 -28.16
CA TYR B 243 -18.43 -4.80 -29.18
C TYR B 243 -18.38 -3.42 -29.84
N ASP B 244 -19.56 -2.89 -30.20
CA ASP B 244 -19.61 -1.64 -30.95
C ASP B 244 -19.10 -0.47 -30.12
N GLU B 245 -19.40 -0.45 -28.82
CA GLU B 245 -18.95 0.65 -27.98
C GLU B 245 -17.44 0.59 -27.74
N ALA B 246 -16.92 -0.61 -27.48
CA ALA B 246 -15.47 -0.78 -27.31
C ALA B 246 -14.74 -0.37 -28.58
N LYS B 247 -15.22 -0.84 -29.74
CA LYS B 247 -14.60 -0.47 -31.00
C LYS B 247 -14.69 1.03 -31.24
N LYS B 248 -15.81 1.65 -30.87
CA LYS B 248 -15.94 3.09 -31.01
C LYS B 248 -14.90 3.82 -30.16
N ALA B 249 -14.68 3.35 -28.94
CA ALA B 249 -13.66 3.97 -28.09
C ALA B 249 -12.27 3.83 -28.69
N TYR B 250 -11.91 2.61 -29.11
CA TYR B 250 -10.61 2.40 -29.75
C TYR B 250 -10.43 3.32 -30.95
N ILE B 251 -11.43 3.36 -31.84
CA ILE B 251 -11.35 4.17 -33.05
C ILE B 251 -11.19 5.64 -32.70
N LYS B 252 -11.86 6.09 -31.64
CA LYS B 252 -11.60 7.46 -31.17
C LYS B 252 -10.15 7.61 -30.74
N GLY B 253 -9.58 6.60 -30.09
CA GLY B 253 -8.17 6.63 -29.75
C GLY B 253 -7.22 6.60 -30.92
N GLN B 254 -7.72 6.24 -32.12
CA GLN B 254 -6.86 6.18 -33.30
C GLN B 254 -6.17 7.51 -33.57
N LYS B 255 -6.93 8.60 -33.55
CA LYS B 255 -6.39 9.90 -33.97
C LYS B 255 -5.28 10.40 -33.05
N TYR B 256 -5.17 9.84 -31.84
CA TYR B 256 -4.15 10.26 -30.88
C TYR B 256 -2.94 9.33 -30.86
N ALA B 257 -2.94 8.28 -31.69
CA ALA B 257 -1.81 7.34 -31.75
C ALA B 257 -0.88 7.80 -32.87
N LYS B 258 0.15 8.57 -32.51
CA LYS B 258 1.05 9.15 -33.50
C LYS B 258 2.39 8.44 -33.59
N ASN B 259 2.71 7.58 -32.64
CA ASN B 259 3.94 6.80 -32.75
C ASN B 259 3.60 5.32 -32.91
N PRO B 260 4.46 4.55 -33.58
CA PRO B 260 4.11 3.16 -33.91
C PRO B 260 3.76 2.30 -32.70
N VAL B 261 4.29 2.60 -31.52
CA VAL B 261 3.98 1.79 -30.35
C VAL B 261 2.49 1.86 -30.03
N HIS B 262 1.96 3.08 -29.92
CA HIS B 262 0.54 3.25 -29.64
C HIS B 262 -0.34 2.66 -30.75
N GLN B 263 0.05 2.87 -32.00
CA GLN B 263 -0.72 2.34 -33.12
C GLN B 263 -0.75 0.81 -33.08
N GLU B 264 0.37 0.18 -32.75
CA GLU B 264 0.40 -1.27 -32.64
C GLU B 264 -0.46 -1.76 -31.49
N LEU B 266 -3.12 -0.29 -30.43
CA LEU B 266 -4.51 -0.11 -30.80
C LEU B 266 -4.96 -1.18 -31.79
N ASP B 267 -4.12 -1.49 -32.79
CA ASP B 267 -4.46 -2.56 -33.73
C ASP B 267 -4.58 -3.90 -33.01
N GLY B 268 -3.67 -4.16 -32.07
CA GLY B 268 -3.80 -5.37 -31.26
C GLY B 268 -5.07 -5.39 -30.44
N ALA B 269 -5.49 -4.22 -29.95
CA ALA B 269 -6.72 -4.16 -29.16
C ALA B 269 -7.94 -4.43 -30.03
N LEU B 270 -7.98 -3.86 -31.25
CA LEU B 270 -9.09 -4.12 -32.15
C LEU B 270 -9.12 -5.58 -32.59
N CYS B 271 -7.96 -6.16 -32.87
CA CYS B 271 -7.90 -7.57 -33.26
C CYS B 271 -8.37 -8.46 -32.12
N PHE B 272 -7.85 -8.24 -30.91
CA PHE B 272 -8.30 -8.97 -29.74
C PHE B 272 -9.80 -8.86 -29.56
N LEU B 273 -10.34 -7.64 -29.74
CA LEU B 273 -11.77 -7.42 -29.54
C LEU B 273 -12.60 -8.20 -30.55
N SER B 274 -12.21 -8.15 -31.83
CA SER B 274 -12.90 -8.94 -32.83
C SER B 274 -12.77 -10.44 -32.57
N ASN B 275 -11.66 -10.86 -31.96
CA ASN B 275 -11.49 -12.26 -31.63
C ASN B 275 -12.41 -12.69 -30.50
N ILE B 276 -12.61 -11.81 -29.51
CA ILE B 276 -13.49 -12.14 -28.39
C ILE B 276 -14.92 -12.35 -28.87
N TRP B 277 -15.40 -11.47 -29.74
CA TRP B 277 -16.76 -11.56 -30.27
C TRP B 277 -16.84 -12.41 -31.54
N LYS B 278 -15.75 -13.06 -31.93
CA LYS B 278 -15.73 -14.01 -33.04
C LYS B 278 -16.24 -13.37 -34.33
N LYS B 279 -15.77 -12.16 -34.60
CA LYS B 279 -16.08 -11.44 -35.83
C LYS B 279 -14.90 -11.53 -36.79
N GLU B 280 -15.21 -11.75 -38.06
CA GLU B 280 -14.16 -11.87 -39.07
C GLU B 280 -13.58 -10.49 -39.37
N ASN B 281 -12.31 -10.29 -39.03
CA ASN B 281 -11.59 -9.07 -39.36
C ASN B 281 -10.22 -9.44 -39.92
N GLN B 282 -9.71 -8.58 -40.78
CA GLN B 282 -8.46 -8.85 -41.48
C GLN B 282 -7.25 -8.49 -40.62
N TRP B 283 -6.19 -9.28 -40.77
CA TRP B 283 -5.03 -9.17 -39.90
C TRP B 283 -4.12 -8.03 -40.33
N VAL B 284 -3.71 -7.20 -39.37
CA VAL B 284 -2.74 -6.15 -39.61
C VAL B 284 -1.35 -6.72 -39.34
N ASN B 285 -0.54 -6.85 -40.38
CA ASN B 285 0.75 -7.53 -40.29
C ASN B 285 1.82 -6.59 -39.73
N TYR B 286 2.48 -7.03 -38.67
CA TYR B 286 3.65 -6.37 -38.13
C TYR B 286 4.87 -7.29 -38.27
N ASN B 287 6.04 -6.67 -38.19
CA ASN B 287 7.30 -7.43 -38.28
C ASN B 287 7.87 -7.61 -36.87
N SER B 288 7.20 -8.48 -36.11
CA SER B 288 7.58 -8.69 -34.72
C SER B 288 7.17 -10.10 -34.29
N ASP B 289 7.92 -10.63 -33.33
CA ASP B 289 7.57 -11.89 -32.68
C ASP B 289 7.37 -11.70 -31.18
N ASN B 290 7.00 -10.47 -30.77
CA ASN B 290 6.74 -10.21 -29.36
C ASN B 290 5.61 -11.11 -28.86
N ILE B 291 5.60 -11.33 -27.54
CA ILE B 291 4.74 -12.36 -26.96
C ILE B 291 3.27 -12.08 -27.30
N LYS B 292 2.83 -10.83 -27.12
CA LYS B 292 1.41 -10.54 -27.29
C LYS B 292 1.00 -10.64 -28.75
N TYR B 293 1.88 -10.27 -29.68
CA TYR B 293 1.54 -10.38 -31.09
C TYR B 293 1.35 -11.83 -31.49
N LEU B 294 2.26 -12.72 -31.05
CA LEU B 294 2.11 -14.14 -31.34
C LEU B 294 0.88 -14.71 -30.66
N GLN B 295 0.58 -14.26 -29.44
CA GLN B 295 -0.63 -14.71 -28.77
C GLN B 295 -1.88 -14.31 -29.55
N LEU B 296 -1.91 -13.08 -30.06
CA LEU B 296 -3.01 -12.66 -30.91
C LEU B 296 -3.10 -13.51 -32.17
N ARG B 297 -1.95 -13.88 -32.74
CA ARG B 297 -1.94 -14.75 -33.91
C ARG B 297 -2.58 -16.10 -33.60
N ALA B 298 -2.22 -16.69 -32.45
CA ALA B 298 -2.80 -17.97 -32.07
C ALA B 298 -4.29 -17.84 -31.79
N PHE B 299 -4.70 -16.72 -31.17
CA PHE B 299 -6.12 -16.49 -30.93
C PHE B 299 -6.89 -16.42 -32.25
N TYR B 300 -6.37 -15.64 -33.20
CA TYR B 300 -7.02 -15.53 -34.51
C TYR B 300 -7.09 -16.88 -35.21
N TYR B 301 -6.04 -17.70 -35.07
CA TYR B 301 -6.10 -19.03 -35.65
C TYR B 301 -7.15 -19.90 -34.97
N ILE B 302 -7.28 -19.76 -33.65
CA ILE B 302 -8.29 -20.53 -32.92
C ILE B 302 -9.69 -20.16 -33.41
N ASN B 303 -9.94 -18.87 -33.60
CA ASN B 303 -11.28 -18.45 -34.02
C ASN B 303 -11.54 -18.79 -35.49
N GLN B 304 -10.52 -18.69 -36.34
CA GLN B 304 -10.70 -19.04 -37.73
C GLN B 304 -10.77 -20.54 -37.95
N GLY B 305 -10.66 -21.35 -36.90
CA GLY B 305 -10.68 -22.79 -37.04
C GLY B 305 -9.34 -23.45 -37.25
N ASN B 306 -8.30 -22.68 -37.57
CA ASN B 306 -6.95 -23.21 -37.76
C ASN B 306 -6.34 -23.63 -36.41
N ILE B 307 -6.80 -24.77 -35.89
CA ILE B 307 -6.41 -25.18 -34.54
C ILE B 307 -4.99 -25.70 -34.53
N GLU B 308 -4.56 -26.37 -35.60
CA GLU B 308 -3.22 -26.95 -35.64
C GLU B 308 -2.15 -25.87 -35.66
N GLU B 309 -2.34 -24.83 -36.48
CA GLU B 309 -1.38 -23.73 -36.50
C GLU B 309 -1.37 -22.97 -35.18
N ALA B 310 -2.53 -22.85 -34.54
CA ALA B 310 -2.57 -22.27 -33.20
C ALA B 310 -1.75 -23.09 -32.21
N THR B 311 -1.88 -24.42 -32.28
CA THR B 311 -1.04 -25.28 -31.45
C THR B 311 0.43 -25.11 -31.77
N GLU B 312 0.76 -24.84 -33.04
CA GLU B 312 2.14 -24.56 -33.41
C GLU B 312 2.64 -23.29 -32.72
N ILE B 313 1.84 -22.23 -32.78
CA ILE B 313 2.25 -20.96 -32.16
C ILE B 313 2.37 -21.11 -30.65
N LEU B 314 1.45 -21.86 -30.04
CA LEU B 314 1.50 -22.06 -28.60
C LEU B 314 2.73 -22.89 -28.21
N ASP B 315 3.06 -23.90 -29.02
CA ASP B 315 4.30 -24.65 -28.79
C ASP B 315 5.52 -23.73 -28.90
N GLU B 316 5.50 -22.81 -29.86
CA GLU B 316 6.60 -21.86 -29.97
C GLU B 316 6.66 -20.95 -28.74
N LEU B 317 5.50 -20.58 -28.20
CA LEU B 317 5.47 -19.70 -27.03
C LEU B 317 5.88 -20.41 -25.76
N SER B 318 5.70 -21.73 -25.71
CA SER B 318 6.07 -22.49 -24.51
C SER B 318 7.56 -22.39 -24.22
N SER B 319 8.38 -22.20 -25.24
CA SER B 319 9.81 -22.01 -25.07
C SER B 319 10.19 -20.54 -24.88
N ARG B 320 9.28 -19.61 -25.17
CA ARG B 320 9.54 -18.20 -24.96
C ARG B 320 9.35 -17.83 -23.49
N ASP B 321 9.91 -16.69 -23.12
CA ASP B 321 9.84 -16.19 -21.73
C ASP B 321 8.53 -15.43 -21.57
N GLN B 322 7.46 -16.19 -21.35
CA GLN B 322 6.14 -15.60 -21.16
C GLN B 322 5.97 -15.09 -19.74
N ASP B 323 5.37 -13.91 -19.61
CA ASP B 323 5.07 -13.32 -18.32
C ASP B 323 3.94 -14.10 -17.64
N GLU B 324 3.70 -13.78 -16.37
CA GLU B 324 2.65 -14.46 -15.63
C GLU B 324 1.27 -14.11 -16.17
N ASN B 325 1.02 -12.82 -16.43
CA ASN B 325 -0.21 -12.41 -17.10
C ASN B 325 -0.29 -13.03 -18.49
N GLU B 326 0.80 -12.89 -19.26
CA GLU B 326 0.89 -13.54 -20.56
C GLU B 326 0.69 -15.05 -20.45
N LEU B 327 1.09 -15.66 -19.33
CA LEU B 327 0.79 -17.07 -19.12
C LEU B 327 -0.68 -17.28 -18.85
N GLY B 328 -1.35 -16.32 -18.23
CA GLY B 328 -2.80 -16.40 -18.09
C GLY B 328 -3.48 -16.47 -19.44
N PHE B 329 -3.13 -15.55 -20.34
CA PHE B 329 -3.66 -15.63 -21.70
C PHE B 329 -3.26 -16.94 -22.36
N TYR B 330 -2.00 -17.35 -22.20
CA TYR B 330 -1.47 -18.54 -22.88
C TYR B 330 -2.26 -19.79 -22.51
N TYR B 331 -2.40 -20.06 -21.21
CA TYR B 331 -3.18 -21.21 -20.79
C TYR B 331 -4.67 -21.02 -21.03
N TYR B 332 -5.15 -19.78 -21.17
CA TYR B 332 -6.53 -19.59 -21.62
C TYR B 332 -6.73 -20.11 -23.03
N TYR B 333 -5.81 -19.76 -23.94
CA TYR B 333 -5.91 -20.26 -25.32
C TYR B 333 -5.72 -21.77 -25.37
N LYS B 334 -4.75 -22.29 -24.61
CA LYS B 334 -4.58 -23.74 -24.52
C LYS B 334 -5.84 -24.40 -23.99
N GLY B 335 -6.60 -23.70 -23.15
CA GLY B 335 -7.88 -24.23 -22.71
C GLY B 335 -8.92 -24.18 -23.80
N LEU B 336 -8.92 -23.12 -24.60
CA LEU B 336 -9.84 -23.04 -25.74
C LEU B 336 -9.62 -24.21 -26.69
N ILE B 337 -8.36 -24.60 -26.89
CA ILE B 337 -8.08 -25.74 -27.76
C ILE B 337 -8.42 -27.04 -27.07
N SER B 338 -7.88 -27.25 -25.86
CA SER B 338 -7.97 -28.55 -25.21
C SER B 338 -9.35 -28.80 -24.62
N GLN B 339 -10.05 -27.74 -24.21
CA GLN B 339 -11.31 -27.86 -23.47
C GLN B 339 -11.12 -28.62 -22.16
N ASP B 340 -9.92 -28.52 -21.59
CA ASP B 340 -9.59 -29.13 -20.31
C ASP B 340 -9.66 -28.07 -19.22
N LYS B 341 -10.40 -28.37 -18.15
CA LYS B 341 -10.60 -27.40 -17.08
C LYS B 341 -9.29 -27.03 -16.39
N THR B 342 -8.30 -27.94 -16.42
CA THR B 342 -7.04 -27.66 -15.75
C THR B 342 -6.29 -26.50 -16.40
N ASP B 343 -6.38 -26.39 -17.74
CA ASP B 343 -5.78 -25.24 -18.41
C ASP B 343 -6.42 -23.94 -17.93
N TYR B 344 -7.74 -23.93 -17.77
CA TYR B 344 -8.42 -22.74 -17.28
C TYR B 344 -8.06 -22.45 -15.83
N TYR B 345 -7.83 -23.48 -15.02
CA TYR B 345 -7.40 -23.28 -13.65
C TYR B 345 -6.01 -22.65 -13.60
N LYS B 346 -5.08 -23.14 -14.43
CA LYS B 346 -3.76 -22.54 -14.49
C LYS B 346 -3.84 -21.10 -14.98
N SER B 347 -4.66 -20.83 -16.00
CA SER B 347 -4.85 -19.47 -16.46
C SER B 347 -5.37 -18.57 -15.34
N ILE B 348 -6.34 -19.07 -14.56
CA ILE B 348 -6.85 -18.31 -13.42
C ILE B 348 -5.73 -18.00 -12.43
N ARG B 349 -4.93 -19.02 -12.10
CA ARG B 349 -3.87 -18.82 -11.12
C ARG B 349 -2.84 -17.81 -11.60
N TYR B 350 -2.54 -17.82 -12.90
CA TYR B 350 -1.56 -16.88 -13.42
C TYR B 350 -2.13 -15.46 -13.53
N PHE B 351 -3.43 -15.34 -13.81
CA PHE B 351 -4.07 -14.03 -13.76
C PHE B 351 -4.09 -13.49 -12.34
N LYS B 352 -4.27 -14.36 -11.35
CA LYS B 352 -4.26 -13.90 -9.96
C LYS B 352 -2.85 -13.52 -9.52
N LYS B 353 -1.84 -14.31 -9.92
CA LYS B 353 -0.47 -13.96 -9.58
C LYS B 353 -0.08 -12.62 -10.17
N SER B 354 -0.54 -12.34 -11.39
CA SER B 354 -0.32 -11.05 -12.05
C SER B 354 -1.33 -9.99 -11.62
N ASP B 355 -2.21 -10.32 -10.67
CA ASP B 355 -3.15 -9.35 -10.08
C ASP B 355 -4.10 -8.78 -11.13
N ASP B 356 -4.56 -9.63 -12.04
CA ASP B 356 -5.46 -9.24 -13.13
C ASP B 356 -6.88 -9.64 -12.74
N LYS B 357 -7.66 -8.68 -12.30
CA LYS B 357 -9.06 -8.92 -11.95
C LYS B 357 -10.01 -8.77 -13.11
N TYR B 358 -9.50 -8.45 -14.31
CA TYR B 358 -10.36 -8.19 -15.47
C TYR B 358 -10.31 -9.31 -16.49
N PHE B 359 -9.14 -9.60 -17.05
CA PHE B 359 -9.05 -10.64 -18.08
C PHE B 359 -9.11 -12.04 -17.52
N ILE B 360 -9.11 -12.19 -16.19
CA ILE B 360 -9.40 -13.48 -15.58
C ILE B 360 -10.78 -13.96 -15.96
N GLN B 361 -11.63 -13.05 -16.47
CA GLN B 361 -12.93 -13.45 -17.00
C GLN B 361 -12.81 -14.43 -18.15
N LEU B 362 -11.68 -14.44 -18.88
CA LEU B 362 -11.56 -15.31 -20.03
C LEU B 362 -11.73 -16.79 -19.68
N PRO B 363 -10.94 -17.36 -18.76
CA PRO B 363 -11.23 -18.76 -18.38
C PRO B 363 -12.55 -18.91 -17.63
N LEU B 364 -12.88 -17.95 -16.77
CA LEU B 364 -14.14 -18.03 -16.02
C LEU B 364 -15.33 -18.17 -16.96
N LEU B 365 -15.41 -17.30 -17.97
CA LEU B 365 -16.48 -17.40 -18.97
C LEU B 365 -16.51 -18.78 -19.60
N GLN B 366 -15.34 -19.37 -19.85
CA GLN B 366 -15.30 -20.71 -20.42
C GLN B 366 -15.75 -21.75 -19.41
N LEU B 367 -15.38 -21.57 -18.13
CA LEU B 367 -15.84 -22.50 -17.11
C LEU B 367 -17.35 -22.42 -16.93
N GLU B 368 -17.92 -21.22 -17.09
CA GLU B 368 -19.36 -21.04 -16.92
C GLU B 368 -20.15 -21.83 -17.95
N ARG B 369 -19.76 -21.73 -19.23
CA ARG B 369 -20.47 -22.46 -20.28
C ARG B 369 -20.30 -23.97 -20.13
N GLY B 371 -20.68 -25.46 -17.44
CA GLY B 371 -21.56 -25.83 -16.35
C GLY B 371 -21.04 -25.57 -14.95
N ALA B 372 -20.07 -24.66 -14.79
CA ALA B 372 -19.55 -24.36 -13.47
C ALA B 372 -20.48 -23.40 -12.73
N ASP B 373 -20.47 -23.48 -11.41
CA ASP B 373 -21.33 -22.63 -10.60
C ASP B 373 -20.95 -21.17 -10.79
N LEU B 374 -21.94 -20.35 -11.20
CA LEU B 374 -21.64 -18.97 -11.59
C LEU B 374 -21.19 -18.13 -10.42
N GLU B 375 -21.86 -18.24 -9.26
CA GLU B 375 -21.51 -17.38 -8.14
C GLU B 375 -20.10 -17.66 -7.63
N LEU B 376 -19.70 -18.93 -7.65
CA LEU B 376 -18.32 -19.27 -7.30
C LEU B 376 -17.34 -18.62 -8.27
N LEU B 377 -17.67 -18.63 -9.57
CA LEU B 377 -16.82 -18.00 -10.56
C LEU B 377 -16.72 -16.50 -10.33
N ASN B 378 -17.83 -15.87 -9.93
CA ASN B 378 -17.79 -14.46 -9.57
C ASN B 378 -16.89 -14.24 -8.36
N LEU B 379 -16.88 -15.19 -7.42
CA LEU B 379 -15.98 -15.06 -6.27
C LEU B 379 -14.52 -15.25 -6.68
N ILE B 380 -14.26 -16.00 -7.75
CA ILE B 380 -12.89 -16.15 -8.22
C ILE B 380 -12.38 -14.84 -8.83
N SER B 381 -13.27 -14.06 -9.43
CA SER B 381 -12.85 -12.86 -10.17
C SER B 381 -12.48 -11.70 -9.27
N ILE B 382 -12.61 -11.82 -7.96
CA ILE B 382 -12.30 -10.71 -7.07
C ILE B 382 -11.18 -11.09 -6.10
#